data_7Q99
#
_entry.id   7Q99
#
_cell.length_a   121.280
_cell.length_b   121.280
_cell.length_c   81.314
_cell.angle_alpha   90.000
_cell.angle_beta   90.000
_cell.angle_gamma   90.000
#
_symmetry.space_group_name_H-M   'P 43'
#
loop_
_entity.id
_entity.type
_entity.pdbx_description
1 polymer 'MHC class I antigen'
2 polymer Beta-2-microglobulin
3 polymer ASN-LEU-SER-ALA-LEU-GLY-ILE-PHE-SER-THR
4 polymer 'Mel5 Human TCR, alpha chain'
5 polymer 'Mel5 Human TCR, beta chain'
6 non-polymer 1,2-ETHANEDIOL
7 water water
#
loop_
_entity_poly.entity_id
_entity_poly.type
_entity_poly.pdbx_seq_one_letter_code
_entity_poly.pdbx_strand_id
1 'polypeptide(L)'
;GSHSMRYFFTSVSRPGRGEPRFIAVGYVDDTQFVRFDSDAASQRMEPRAPWIEQEGPEYWDGETRKVKAHSQTHRVDLGT
LRGYYNQSEAGSHTVQRMYGCDVGSDWRFLRGYHQYAYDGKDYIALKEDLRSWTAADMAAQTTKHKWEAAHVAEQLRAYL
EGTCVEWLRRYLENGKETLQRTDAPKTHMTHHAVSDHEATLRCWALSFYPAEITLTWQRDGEDQTQDTELVETRPAGDGT
FQKWAAVVVPSGQEQRYTCHVQHEGLPKPLTLRWEP
;
A
2 'polypeptide(L)'
;MIQRTPKIQVYSRHPAENGKSNFLNCYVSGFHPSDIEVDLLKNGERIEKVEHSDLSFSKDWSFYLLYYTEFTPTEKDEYA
CRVNHVTLSQPKIVKWDRDM
;
B
3 'polypeptide(L)' NLSALGIFST C
4 'polypeptide(L)'
;EVEQNSGPLSVPEGAIASLNCTYSDRGSQSFFWYRQYSGKSPELIMFIYSNGDKEDGRFTAQLNKASQYVSLLIRDSQPS
DSATYLCAVNVAGKSTFGDGTTLTVKPNIQNPDPAVYQLRDSKSSDKSVCLFTDFDSQTNVSQSKDSDVYITDKCVLDMR
SMDFKSNSAVAWSNKSDFACANAFNNSIIPEDTFFPSP
;
D
5 'polypeptide(L)'
;SQTIHQWPATLVQPVGSPLSLECTVEGTSNPNLYWYRQAAGRGLQLLFYSVGIGQISSEVPQNLSASRPQDRQFILSSKK
LLLSDSGFYLCAWSETGLGTGELFFGEGSRLTVLEDLKNVFPPEVAVFEPSEAEISHTQKATLVCLATGFYPDHVELSWW
VNGKEVHSGVCTDPQPLKEQPALNDSRYALSSRLRVSATFWQDPRNHFRCQVQFYGLSENDEWTQDRAKPVTQIVSAEAW
GRAD
;
E
#
loop_
_chem_comp.id
_chem_comp.type
_chem_comp.name
_chem_comp.formula
EDO non-polymer 1,2-ETHANEDIOL 'C2 H6 O2'
#
# COMPACT_ATOMS: atom_id res chain seq x y z
N GLY A 1 0.34 -34.07 -10.11
CA GLY A 1 -0.23 -33.09 -11.03
C GLY A 1 0.39 -31.72 -10.82
N SER A 2 0.79 -31.06 -11.92
CA SER A 2 1.01 -29.60 -11.99
C SER A 2 -0.28 -28.87 -11.59
N HIS A 3 -0.13 -27.69 -10.99
CA HIS A 3 -1.25 -26.81 -10.60
C HIS A 3 -0.91 -25.40 -11.07
N SER A 4 -1.88 -24.49 -11.00
CA SER A 4 -1.86 -23.12 -11.58
C SER A 4 -2.86 -22.25 -10.84
N MET A 5 -2.47 -21.04 -10.52
CA MET A 5 -3.37 -19.96 -10.08
C MET A 5 -3.34 -18.87 -11.13
N ARG A 6 -4.51 -18.40 -11.55
CA ARG A 6 -4.65 -17.42 -12.65
C ARG A 6 -5.69 -16.37 -12.25
N TYR A 7 -5.36 -15.11 -12.42
CA TYR A 7 -6.30 -13.99 -12.32
C TYR A 7 -6.52 -13.43 -13.73
N PHE A 8 -7.79 -13.33 -14.15
CA PHE A 8 -8.24 -12.71 -15.42
C PHE A 8 -9.07 -11.46 -15.10
N PHE A 9 -8.73 -10.38 -15.80
CA PHE A 9 -9.26 -9.02 -15.61
C PHE A 9 -9.71 -8.44 -16.96
N THR A 10 -10.94 -7.91 -17.01
CA THR A 10 -11.62 -7.35 -18.21
C THR A 10 -12.24 -5.99 -17.87
N SER A 11 -11.81 -4.94 -18.56
CA SER A 11 -12.34 -3.57 -18.43
C SER A 11 -12.86 -3.11 -19.79
N VAL A 12 -14.16 -2.79 -19.88
CA VAL A 12 -14.83 -2.31 -21.13
C VAL A 12 -15.33 -0.91 -20.87
N SER A 13 -14.76 0.07 -21.57
CA SER A 13 -15.22 1.48 -21.56
C SER A 13 -16.60 1.51 -22.20
N ARG A 14 -17.49 2.41 -21.76
CA ARG A 14 -18.84 2.60 -22.34
C ARG A 14 -19.27 4.04 -22.11
N PRO A 15 -18.70 4.99 -22.86
CA PRO A 15 -18.90 6.40 -22.56
C PRO A 15 -20.38 6.82 -22.70
N GLY A 16 -20.82 7.72 -21.84
CA GLY A 16 -22.23 8.14 -21.73
C GLY A 16 -23.03 7.21 -20.82
N ARG A 17 -22.52 6.01 -20.52
CA ARG A 17 -23.17 5.02 -19.60
C ARG A 17 -22.37 4.93 -18.29
N GLY A 18 -21.46 5.87 -18.04
CA GLY A 18 -20.71 5.97 -16.77
C GLY A 18 -19.39 5.22 -16.79
N GLU A 19 -19.04 4.58 -15.69
CA GLU A 19 -17.66 4.07 -15.45
C GLU A 19 -17.50 2.69 -16.08
N PRO A 20 -16.28 2.35 -16.54
CA PRO A 20 -16.04 1.09 -17.22
C PRO A 20 -16.46 -0.14 -16.43
N ARG A 21 -17.17 -1.04 -17.12
CA ARG A 21 -17.48 -2.42 -16.67
C ARG A 21 -16.17 -3.15 -16.38
N PHE A 22 -16.00 -3.67 -15.16
CA PHE A 22 -14.79 -4.40 -14.72
C PHE A 22 -15.21 -5.75 -14.12
N ILE A 23 -14.66 -6.85 -14.67
CA ILE A 23 -14.89 -8.26 -14.22
C ILE A 23 -13.53 -8.91 -13.97
N ALA A 24 -13.29 -9.25 -12.72
CA ALA A 24 -12.15 -10.03 -12.26
C ALA A 24 -12.63 -11.43 -11.94
N VAL A 25 -11.88 -12.45 -12.33
CA VAL A 25 -12.09 -13.81 -11.80
C VAL A 25 -10.76 -14.47 -11.44
N GLY A 26 -10.75 -15.17 -10.32
CA GLY A 26 -9.66 -16.07 -9.91
C GLY A 26 -9.99 -17.52 -10.23
N TYR A 27 -8.98 -18.25 -10.75
CA TYR A 27 -8.98 -19.72 -10.96
C TYR A 27 -7.80 -20.35 -10.20
N VAL A 28 -8.04 -21.51 -9.62
CA VAL A 28 -6.99 -22.52 -9.30
C VAL A 28 -7.23 -23.72 -10.21
N ASP A 29 -6.25 -24.13 -11.00
CA ASP A 29 -6.49 -25.13 -12.07
C ASP A 29 -7.71 -24.64 -12.87
N ASP A 30 -8.77 -25.45 -12.93
CA ASP A 30 -9.99 -25.18 -13.71
C ASP A 30 -11.16 -24.90 -12.77
N THR A 31 -10.90 -24.46 -11.54
CA THR A 31 -11.95 -24.20 -10.53
C THR A 31 -11.96 -22.72 -10.21
N GLN A 32 -12.97 -21.98 -10.64
CA GLN A 32 -13.11 -20.54 -10.31
C GLN A 32 -13.43 -20.42 -8.81
N PHE A 33 -12.68 -19.57 -8.09
CA PHE A 33 -12.71 -19.51 -6.60
C PHE A 33 -13.08 -18.11 -6.10
N VAL A 34 -12.81 -17.04 -6.86
CA VAL A 34 -13.32 -15.68 -6.50
C VAL A 34 -13.86 -14.97 -7.74
N ARG A 35 -14.61 -13.88 -7.53
CA ARG A 35 -14.92 -12.91 -8.61
C ARG A 35 -15.23 -11.53 -8.05
N PHE A 36 -14.99 -10.54 -8.87
CA PHE A 36 -15.47 -9.16 -8.69
C PHE A 36 -16.24 -8.75 -9.94
N ASP A 37 -17.28 -7.93 -9.78
CA ASP A 37 -18.02 -7.31 -10.90
C ASP A 37 -18.44 -5.91 -10.47
N SER A 38 -17.89 -4.86 -11.10
CA SER A 38 -18.16 -3.45 -10.75
C SER A 38 -19.67 -3.16 -10.80
N ASP A 39 -20.48 -4.03 -11.42
CA ASP A 39 -21.93 -3.78 -11.69
C ASP A 39 -22.82 -4.51 -10.66
N ALA A 40 -22.26 -5.38 -9.83
CA ALA A 40 -22.94 -6.04 -8.70
C ALA A 40 -23.01 -5.08 -7.52
N ALA A 41 -23.96 -5.28 -6.61
CA ALA A 41 -24.34 -4.32 -5.54
C ALA A 41 -23.40 -4.52 -4.34
N SER A 42 -22.61 -5.60 -4.36
CA SER A 42 -21.63 -6.00 -3.34
C SER A 42 -20.51 -4.96 -3.23
N GLN A 43 -19.75 -4.78 -4.32
CA GLN A 43 -18.55 -3.91 -4.42
C GLN A 43 -17.44 -4.56 -3.58
N ARG A 44 -17.61 -5.85 -3.32
CA ARG A 44 -16.66 -6.72 -2.60
C ARG A 44 -16.14 -7.73 -3.61
N MET A 45 -14.95 -8.27 -3.41
CA MET A 45 -14.54 -9.58 -3.97
C MET A 45 -15.33 -10.65 -3.23
N GLU A 46 -15.79 -11.68 -3.91
CA GLU A 46 -16.80 -12.60 -3.37
C GLU A 46 -16.36 -14.02 -3.70
N PRO A 47 -16.64 -15.00 -2.82
CA PRO A 47 -16.26 -16.39 -3.07
C PRO A 47 -17.02 -17.03 -4.25
N ARG A 48 -16.41 -18.01 -4.91
CA ARG A 48 -17.11 -18.86 -5.92
C ARG A 48 -16.76 -20.33 -5.74
N ALA A 49 -16.15 -20.72 -4.60
CA ALA A 49 -15.84 -22.12 -4.24
C ALA A 49 -15.88 -22.30 -2.71
N PRO A 50 -16.26 -23.51 -2.19
CA PRO A 50 -16.45 -23.69 -0.75
C PRO A 50 -15.19 -23.39 0.07
N TRP A 51 -14.02 -23.80 -0.42
CA TRP A 51 -12.78 -23.84 0.38
C TRP A 51 -12.23 -22.43 0.64
N ILE A 52 -12.54 -21.43 -0.19
CA ILE A 52 -12.08 -20.04 0.06
C ILE A 52 -13.01 -19.35 1.07
N GLU A 53 -14.22 -19.88 1.32
CA GLU A 53 -15.22 -19.21 2.21
C GLU A 53 -14.66 -19.22 3.64
N GLN A 54 -13.68 -20.07 3.94
CA GLN A 54 -13.15 -20.25 5.31
C GLN A 54 -12.08 -19.18 5.67
N GLU A 55 -11.67 -18.35 4.70
CA GLU A 55 -10.75 -17.20 4.94
C GLU A 55 -11.52 -16.12 5.69
N GLY A 56 -10.84 -15.32 6.51
CA GLY A 56 -11.47 -14.37 7.43
C GLY A 56 -11.69 -13.01 6.78
N PRO A 57 -12.12 -11.99 7.57
CA PRO A 57 -12.44 -10.68 7.03
C PRO A 57 -11.27 -9.93 6.39
N GLU A 58 -10.07 -10.01 6.95
CA GLU A 58 -8.88 -9.28 6.44
C GLU A 58 -8.54 -9.78 5.03
N TYR A 59 -8.84 -11.03 4.70
CA TYR A 59 -8.59 -11.54 3.33
C TYR A 59 -9.56 -10.85 2.36
N TRP A 60 -10.85 -10.82 2.67
CA TRP A 60 -11.88 -10.26 1.76
C TRP A 60 -11.66 -8.75 1.60
N ASP A 61 -11.52 -8.04 2.71
CA ASP A 61 -11.12 -6.61 2.74
C ASP A 61 -9.93 -6.37 1.81
N GLY A 62 -8.87 -7.18 1.93
CA GLY A 62 -7.63 -7.02 1.15
C GLY A 62 -7.82 -7.30 -0.34
N GLU A 63 -8.45 -8.42 -0.67
CA GLU A 63 -8.74 -8.80 -2.07
C GLU A 63 -9.67 -7.74 -2.71
N THR A 64 -10.67 -7.27 -1.96
CA THR A 64 -11.57 -6.16 -2.36
C THR A 64 -10.71 -4.93 -2.65
N ARG A 65 -9.83 -4.56 -1.72
CA ARG A 65 -8.97 -3.34 -1.82
C ARG A 65 -8.07 -3.44 -3.05
N LYS A 66 -7.39 -4.58 -3.21
CA LYS A 66 -6.45 -4.80 -4.33
C LYS A 66 -7.24 -4.77 -5.61
N VAL A 67 -8.27 -5.60 -5.72
CA VAL A 67 -9.11 -5.71 -6.98
C VAL A 67 -9.58 -4.32 -7.43
N LYS A 68 -10.08 -3.49 -6.52
CA LYS A 68 -10.50 -2.12 -6.87
C LYS A 68 -9.30 -1.32 -7.42
N ALA A 69 -8.11 -1.47 -6.85
CA ALA A 69 -6.93 -0.73 -7.35
C ALA A 69 -6.53 -1.24 -8.75
N HIS A 70 -6.69 -2.53 -9.05
CA HIS A 70 -6.53 -3.02 -10.45
C HIS A 70 -7.56 -2.29 -11.35
N SER A 71 -8.84 -2.25 -10.96
CA SER A 71 -9.92 -1.66 -11.78
C SER A 71 -9.60 -0.18 -12.03
N GLN A 72 -8.95 0.50 -11.09
CA GLN A 72 -8.64 1.94 -11.25
C GLN A 72 -7.48 2.10 -12.24
N THR A 73 -6.48 1.23 -12.21
CA THR A 73 -5.37 1.22 -13.20
C THR A 73 -6.02 1.21 -14.57
N HIS A 74 -6.86 0.21 -14.82
CA HIS A 74 -7.56 -0.04 -16.09
C HIS A 74 -8.38 1.17 -16.55
N ARG A 75 -9.06 1.84 -15.64
CA ARG A 75 -9.76 3.10 -15.94
C ARG A 75 -8.80 4.09 -16.56
N VAL A 76 -7.66 4.38 -15.94
CA VAL A 76 -6.64 5.32 -16.49
C VAL A 76 -6.18 4.84 -17.87
N ASP A 77 -5.94 3.53 -18.04
CA ASP A 77 -5.34 2.96 -19.27
C ASP A 77 -6.27 3.06 -20.48
N LEU A 78 -7.59 2.97 -20.25
CA LEU A 78 -8.59 3.11 -21.35
C LEU A 78 -8.43 4.52 -21.91
N GLY A 79 -8.09 5.48 -21.04
CA GLY A 79 -7.85 6.87 -21.40
C GLY A 79 -6.53 7.00 -22.12
N THR A 80 -5.44 6.61 -21.46
CA THR A 80 -4.05 6.74 -21.97
C THR A 80 -3.96 6.14 -23.37
N LEU A 81 -4.58 4.98 -23.57
CA LEU A 81 -4.41 4.12 -24.76
C LEU A 81 -5.17 4.68 -25.96
N ARG A 82 -6.46 4.97 -25.75
CA ARG A 82 -7.37 5.76 -26.63
C ARG A 82 -6.58 6.95 -27.17
N GLY A 83 -5.83 7.62 -26.29
CA GLY A 83 -4.84 8.64 -26.66
C GLY A 83 -3.77 8.09 -27.58
N TYR A 84 -3.02 7.06 -27.15
CA TYR A 84 -1.81 6.57 -27.85
C TYR A 84 -2.20 6.23 -29.27
N TYR A 85 -3.40 5.66 -29.45
CA TYR A 85 -3.91 5.16 -30.75
C TYR A 85 -4.68 6.24 -31.52
N ASN A 86 -4.79 7.44 -30.98
CA ASN A 86 -5.53 8.57 -31.61
C ASN A 86 -6.97 8.15 -31.96
N GLN A 87 -7.67 7.52 -31.02
CA GLN A 87 -9.09 7.12 -31.14
C GLN A 87 -9.93 8.22 -30.48
N SER A 88 -11.20 8.37 -30.91
CA SER A 88 -12.21 9.31 -30.40
C SER A 88 -12.78 8.82 -29.06
N GLU A 89 -13.50 9.71 -28.36
CA GLU A 89 -14.05 9.48 -27.00
C GLU A 89 -15.29 8.60 -27.09
N ALA A 90 -15.91 8.58 -28.25
CA ALA A 90 -17.09 7.74 -28.56
C ALA A 90 -16.55 6.35 -28.86
N GLY A 91 -17.34 5.31 -28.67
CA GLY A 91 -16.86 3.95 -29.04
C GLY A 91 -16.16 3.31 -27.88
N SER A 92 -16.40 2.01 -27.73
CA SER A 92 -16.14 1.18 -26.54
C SER A 92 -14.89 0.32 -26.79
N HIS A 93 -13.97 0.28 -25.86
CA HIS A 93 -12.72 -0.52 -26.01
C HIS A 93 -12.50 -1.44 -24.83
N THR A 94 -11.73 -2.50 -25.03
CA THR A 94 -11.48 -3.54 -24.02
C THR A 94 -9.99 -3.54 -23.68
N VAL A 95 -9.72 -3.54 -22.38
CA VAL A 95 -8.42 -3.84 -21.76
C VAL A 95 -8.57 -5.19 -21.04
N GLN A 96 -7.61 -6.09 -21.26
CA GLN A 96 -7.51 -7.40 -20.57
C GLN A 96 -6.11 -7.60 -19.99
N ARG A 97 -6.05 -7.94 -18.72
CA ARG A 97 -4.84 -8.39 -18.00
C ARG A 97 -5.05 -9.86 -17.67
N MET A 98 -3.98 -10.65 -17.70
CA MET A 98 -3.98 -12.00 -17.10
C MET A 98 -2.62 -12.21 -16.47
N TYR A 99 -2.60 -12.81 -15.29
CA TYR A 99 -1.34 -13.20 -14.62
C TYR A 99 -1.57 -14.37 -13.68
N GLY A 100 -0.52 -15.13 -13.45
CA GLY A 100 -0.50 -16.23 -12.47
C GLY A 100 0.82 -16.96 -12.45
N CYS A 101 0.83 -18.17 -11.91
CA CYS A 101 2.03 -18.99 -11.61
C CYS A 101 1.68 -20.48 -11.79
N ASP A 102 2.54 -21.23 -12.47
CA ASP A 102 2.46 -22.71 -12.52
C ASP A 102 3.33 -23.26 -11.40
N VAL A 103 3.00 -24.45 -10.89
CA VAL A 103 3.85 -25.33 -10.04
C VAL A 103 3.68 -26.76 -10.53
N GLY A 104 4.67 -27.64 -10.30
CA GLY A 104 4.65 -29.08 -10.69
C GLY A 104 4.25 -29.96 -9.53
N SER A 105 4.36 -31.30 -9.68
CA SER A 105 3.88 -32.32 -8.69
C SER A 105 4.52 -32.07 -7.32
N ASP A 106 5.70 -31.43 -7.33
CA ASP A 106 6.50 -31.04 -6.13
C ASP A 106 5.94 -29.74 -5.51
N TRP A 107 4.93 -29.13 -6.15
CA TRP A 107 4.32 -27.83 -5.76
C TRP A 107 5.38 -26.74 -5.77
N ARG A 108 6.45 -26.93 -6.53
CA ARG A 108 7.55 -25.97 -6.61
C ARG A 108 7.29 -25.06 -7.81
N PHE A 109 7.80 -23.83 -7.77
CA PHE A 109 7.62 -22.83 -8.86
C PHE A 109 8.28 -23.36 -10.13
N LEU A 110 7.60 -23.10 -11.26
CA LEU A 110 7.79 -23.72 -12.59
C LEU A 110 7.76 -22.61 -13.67
N ARG A 111 6.68 -21.82 -13.77
CA ARG A 111 6.74 -20.53 -14.52
C ARG A 111 5.73 -19.52 -14.00
N GLY A 112 5.93 -18.28 -14.44
CA GLY A 112 5.10 -17.12 -14.14
C GLY A 112 4.79 -16.33 -15.38
N TYR A 113 3.66 -15.65 -15.43
CA TYR A 113 3.20 -14.97 -16.66
C TYR A 113 2.37 -13.75 -16.30
N HIS A 114 2.44 -12.73 -17.14
CA HIS A 114 1.68 -11.47 -16.96
C HIS A 114 1.61 -10.74 -18.28
N GLN A 115 0.43 -10.76 -18.92
CA GLN A 115 0.19 -10.20 -20.27
C GLN A 115 -1.03 -9.28 -20.23
N TYR A 116 -1.02 -8.29 -21.11
CA TYR A 116 -2.02 -7.20 -21.24
C TYR A 116 -2.48 -7.22 -22.70
N ALA A 117 -3.72 -6.89 -22.97
CA ALA A 117 -4.28 -6.88 -24.36
C ALA A 117 -5.14 -5.63 -24.52
N TYR A 118 -5.04 -4.94 -25.67
CA TYR A 118 -5.93 -3.82 -26.06
C TYR A 118 -6.76 -4.23 -27.28
N ASP A 119 -8.07 -4.30 -27.11
CA ASP A 119 -9.08 -4.60 -28.18
C ASP A 119 -8.85 -6.01 -28.73
N GLY A 120 -8.56 -6.97 -27.85
CA GLY A 120 -8.43 -8.42 -28.18
C GLY A 120 -7.11 -8.78 -28.87
N LYS A 121 -6.17 -7.85 -28.97
CA LYS A 121 -4.79 -8.07 -29.50
C LYS A 121 -3.75 -7.89 -28.36
N ASP A 122 -2.67 -8.69 -28.39
CA ASP A 122 -1.50 -8.58 -27.47
C ASP A 122 -1.02 -7.12 -27.38
N TYR A 123 -1.02 -6.50 -26.21
CA TYR A 123 -0.41 -5.15 -26.03
C TYR A 123 1.05 -5.27 -25.52
N ILE A 124 1.24 -5.78 -24.30
CA ILE A 124 2.59 -6.00 -23.67
C ILE A 124 2.57 -7.33 -22.91
N ALA A 125 3.58 -8.17 -23.11
CA ALA A 125 3.71 -9.48 -22.42
C ALA A 125 5.07 -9.55 -21.69
N LEU A 126 5.04 -9.91 -20.40
CA LEU A 126 6.27 -10.35 -19.67
C LEU A 126 6.75 -11.69 -20.25
N LYS A 127 8.04 -11.82 -20.55
CA LYS A 127 8.60 -13.10 -21.08
C LYS A 127 8.82 -14.07 -19.92
N GLU A 128 9.23 -15.31 -20.21
CA GLU A 128 9.37 -16.39 -19.21
C GLU A 128 10.50 -16.02 -18.26
N ASP A 129 11.48 -15.23 -18.76
CA ASP A 129 12.58 -14.56 -18.01
C ASP A 129 12.04 -13.91 -16.74
N LEU A 130 10.74 -13.69 -16.67
CA LEU A 130 10.09 -12.75 -15.73
C LEU A 130 10.90 -11.46 -15.58
N ARG A 131 11.33 -10.88 -16.68
CA ARG A 131 12.18 -9.67 -16.64
C ARG A 131 12.13 -8.85 -17.94
N SER A 132 12.10 -9.50 -19.10
CA SER A 132 12.04 -8.86 -20.44
C SER A 132 10.58 -8.65 -20.86
N TRP A 133 10.26 -7.56 -21.58
CA TRP A 133 8.88 -7.28 -22.12
C TRP A 133 8.86 -7.45 -23.63
N THR A 134 7.86 -8.13 -24.17
CA THR A 134 7.54 -8.08 -25.62
C THR A 134 6.42 -7.05 -25.85
N ALA A 135 6.64 -6.14 -26.79
CA ALA A 135 5.76 -4.99 -27.12
C ALA A 135 5.32 -5.07 -28.59
N ALA A 136 4.00 -5.19 -28.79
CA ALA A 136 3.32 -5.36 -30.12
C ALA A 136 3.76 -4.28 -31.12
N ASP A 137 3.55 -3.00 -30.83
CA ASP A 137 3.59 -1.87 -31.80
C ASP A 137 4.25 -0.65 -31.16
N MET A 138 4.56 0.37 -31.94
CA MET A 138 5.13 1.66 -31.50
C MET A 138 4.52 2.15 -30.16
N ALA A 139 3.26 1.81 -29.87
CA ALA A 139 2.51 2.32 -28.69
C ALA A 139 2.89 1.54 -27.43
N ALA A 140 2.88 0.22 -27.53
CA ALA A 140 3.36 -0.70 -26.48
C ALA A 140 4.83 -0.35 -26.12
N GLN A 141 5.66 0.10 -27.08
CA GLN A 141 7.07 0.52 -26.79
C GLN A 141 7.08 1.68 -25.77
N THR A 142 6.04 2.51 -25.76
CA THR A 142 5.96 3.69 -24.86
C THR A 142 5.70 3.19 -23.46
N THR A 143 4.71 2.32 -23.33
CA THR A 143 4.42 1.60 -22.08
C THR A 143 5.65 0.81 -21.63
N LYS A 144 6.47 0.34 -22.57
CA LYS A 144 7.61 -0.53 -22.25
C LYS A 144 8.70 0.28 -21.55
N HIS A 145 9.02 1.47 -22.05
CA HIS A 145 10.06 2.34 -21.46
C HIS A 145 9.56 2.82 -20.10
N LYS A 146 8.30 3.21 -19.98
CA LYS A 146 7.65 3.55 -18.69
C LYS A 146 7.91 2.46 -17.67
N TRP A 147 7.64 1.18 -18.02
CA TRP A 147 7.65 -0.01 -17.10
C TRP A 147 9.09 -0.51 -16.77
N GLU A 148 10.01 -0.38 -17.72
CA GLU A 148 11.44 -0.67 -17.58
C GLU A 148 12.05 0.36 -16.63
N ALA A 149 11.58 1.60 -16.72
CA ALA A 149 12.10 2.75 -15.95
C ALA A 149 11.82 2.47 -14.48
N ALA A 150 10.61 1.96 -14.21
CA ALA A 150 10.00 1.78 -12.88
C ALA A 150 10.22 0.35 -12.37
N HIS A 151 10.92 -0.48 -13.14
CA HIS A 151 11.24 -1.89 -12.79
C HIS A 151 9.94 -2.62 -12.42
N VAL A 152 8.90 -2.49 -13.26
CA VAL A 152 7.63 -3.25 -13.10
C VAL A 152 7.91 -4.75 -13.16
N ALA A 153 8.77 -5.22 -14.06
CA ALA A 153 9.15 -6.66 -14.16
C ALA A 153 9.69 -7.22 -12.82
N GLU A 154 10.58 -6.50 -12.14
CA GLU A 154 11.15 -6.93 -10.82
C GLU A 154 10.02 -7.20 -9.82
N GLN A 155 9.18 -6.19 -9.61
CA GLN A 155 7.96 -6.22 -8.74
C GLN A 155 7.12 -7.46 -9.07
N LEU A 156 6.80 -7.69 -10.34
CA LEU A 156 5.85 -8.78 -10.68
C LEU A 156 6.55 -10.08 -10.30
N ARG A 157 7.79 -10.22 -10.74
CA ARG A 157 8.63 -11.39 -10.36
C ARG A 157 8.48 -11.66 -8.86
N ALA A 158 8.70 -10.66 -8.01
CA ALA A 158 8.54 -10.84 -6.55
C ALA A 158 7.22 -11.54 -6.27
N TYR A 159 6.08 -10.95 -6.70
CA TYR A 159 4.73 -11.52 -6.48
C TYR A 159 4.70 -12.95 -7.04
N LEU A 160 5.24 -13.15 -8.24
CA LEU A 160 4.97 -14.33 -9.09
C LEU A 160 5.69 -15.58 -8.57
N GLU A 161 6.94 -15.43 -8.07
CA GLU A 161 7.76 -16.47 -7.39
C GLU A 161 7.47 -16.51 -5.87
N GLY A 162 6.92 -15.44 -5.31
CA GLY A 162 6.64 -15.33 -3.86
C GLY A 162 5.18 -15.62 -3.53
N THR A 163 4.38 -14.57 -3.30
CA THR A 163 2.96 -14.63 -2.88
C THR A 163 2.21 -15.67 -3.72
N CYS A 164 2.35 -15.60 -5.04
CA CYS A 164 1.53 -16.41 -5.97
C CYS A 164 1.67 -17.90 -5.61
N VAL A 165 2.88 -18.44 -5.59
CA VAL A 165 3.07 -19.90 -5.41
C VAL A 165 2.72 -20.25 -3.95
N GLU A 166 3.00 -19.37 -3.01
CA GLU A 166 2.68 -19.60 -1.58
C GLU A 166 1.15 -19.79 -1.46
N TRP A 167 0.36 -18.80 -1.85
CA TRP A 167 -1.13 -18.87 -1.71
C TRP A 167 -1.75 -19.95 -2.61
N LEU A 168 -1.16 -20.23 -3.77
CA LEU A 168 -1.54 -21.42 -4.59
C LEU A 168 -1.50 -22.66 -3.68
N ARG A 169 -0.37 -22.90 -3.00
CA ARG A 169 -0.17 -24.09 -2.13
C ARG A 169 -1.15 -24.05 -0.96
N ARG A 170 -1.29 -22.90 -0.32
CA ARG A 170 -2.28 -22.71 0.76
C ARG A 170 -3.71 -23.06 0.27
N TYR A 171 -4.08 -22.73 -0.97
CA TYR A 171 -5.41 -23.12 -1.51
C TYR A 171 -5.41 -24.65 -1.76
N LEU A 172 -4.40 -25.18 -2.44
CA LEU A 172 -4.32 -26.64 -2.73
C LEU A 172 -4.48 -27.46 -1.44
N GLU A 173 -4.00 -26.95 -0.30
CA GLU A 173 -4.15 -27.63 1.04
C GLU A 173 -5.61 -27.49 1.53
N ASN A 174 -6.04 -26.26 1.85
CA ASN A 174 -7.38 -25.96 2.42
C ASN A 174 -8.48 -26.63 1.60
N GLY A 175 -8.27 -26.75 0.29
CA GLY A 175 -9.30 -27.19 -0.64
C GLY A 175 -9.02 -28.58 -1.16
N LYS A 176 -8.19 -29.36 -0.47
CA LYS A 176 -7.76 -30.71 -0.93
C LYS A 176 -9.00 -31.49 -1.41
N GLU A 177 -10.17 -31.27 -0.78
CA GLU A 177 -11.42 -32.01 -1.10
C GLU A 177 -11.82 -31.73 -2.55
N THR A 178 -11.70 -30.49 -3.00
CA THR A 178 -12.09 -30.01 -4.35
C THR A 178 -10.88 -30.17 -5.29
N LEU A 179 -9.79 -29.47 -5.02
CA LEU A 179 -8.74 -29.11 -5.99
C LEU A 179 -7.88 -30.32 -6.38
N GLN A 180 -7.64 -31.27 -5.46
CA GLN A 180 -6.72 -32.43 -5.66
C GLN A 180 -7.53 -33.71 -5.83
N ARG A 181 -8.85 -33.59 -6.01
CA ARG A 181 -9.72 -34.68 -6.51
C ARG A 181 -9.30 -34.99 -7.95
N THR A 182 -9.77 -36.11 -8.48
CA THR A 182 -9.55 -36.54 -9.87
C THR A 182 -10.77 -37.37 -10.33
N ASP A 183 -11.89 -36.70 -10.69
CA ASP A 183 -13.15 -37.32 -11.18
C ASP A 183 -12.90 -37.92 -12.58
N ALA A 184 -12.97 -39.24 -12.69
CA ALA A 184 -12.71 -40.00 -13.93
C ALA A 184 -13.90 -39.85 -14.87
N PRO A 185 -13.67 -39.88 -16.19
CA PRO A 185 -14.75 -39.85 -17.17
C PRO A 185 -15.69 -41.05 -17.05
N LYS A 186 -16.97 -40.79 -16.78
CA LYS A 186 -18.08 -41.71 -17.14
C LYS A 186 -18.24 -41.65 -18.67
N THR A 187 -18.07 -42.77 -19.36
CA THR A 187 -18.00 -42.83 -20.85
C THR A 187 -19.02 -43.82 -21.41
N HIS A 188 -19.82 -43.37 -22.39
CA HIS A 188 -20.63 -44.24 -23.28
C HIS A 188 -20.20 -44.02 -24.73
N MET A 189 -20.91 -44.64 -25.67
CA MET A 189 -20.66 -44.52 -27.13
C MET A 189 -22.00 -44.55 -27.87
N THR A 190 -22.10 -43.84 -29.00
CA THR A 190 -23.35 -43.71 -29.79
C THR A 190 -23.11 -44.15 -31.24
N HIS A 191 -24.17 -44.69 -31.88
CA HIS A 191 -24.24 -45.11 -33.32
C HIS A 191 -25.29 -44.25 -34.04
N HIS A 192 -25.04 -43.96 -35.33
CA HIS A 192 -25.92 -43.15 -36.22
C HIS A 192 -25.70 -43.57 -37.68
N ALA A 193 -26.69 -44.20 -38.32
CA ALA A 193 -26.75 -44.40 -39.78
C ALA A 193 -26.61 -43.03 -40.45
N VAL A 194 -25.62 -42.90 -41.34
CA VAL A 194 -25.40 -41.69 -42.21
C VAL A 194 -25.83 -42.06 -43.64
N SER A 195 -25.55 -43.31 -44.05
CA SER A 195 -25.81 -43.86 -45.41
C SER A 195 -26.25 -45.32 -45.27
N ASP A 196 -26.22 -46.06 -46.37
CA ASP A 196 -26.20 -47.54 -46.38
C ASP A 196 -24.74 -48.00 -46.34
N HIS A 197 -23.80 -47.07 -46.55
CA HIS A 197 -22.35 -47.34 -46.77
C HIS A 197 -21.49 -46.88 -45.58
N GLU A 198 -22.03 -45.99 -44.73
CA GLU A 198 -21.25 -45.22 -43.71
C GLU A 198 -22.10 -45.07 -42.43
N ALA A 199 -21.48 -45.24 -41.26
CA ALA A 199 -22.07 -44.93 -39.94
C ALA A 199 -21.23 -43.85 -39.24
N THR A 200 -21.70 -43.39 -38.08
CA THR A 200 -20.97 -42.46 -37.18
C THR A 200 -20.95 -43.04 -35.76
N LEU A 201 -19.73 -43.21 -35.22
CA LEU A 201 -19.48 -43.59 -33.80
C LEU A 201 -19.08 -42.33 -33.03
N ARG A 202 -19.72 -42.10 -31.89
CA ARG A 202 -19.38 -40.99 -30.97
C ARG A 202 -18.87 -41.59 -29.64
N CYS A 203 -17.69 -41.13 -29.20
CA CYS A 203 -17.07 -41.44 -27.89
C CYS A 203 -17.39 -40.31 -26.92
N TRP A 204 -18.28 -40.56 -25.98
CA TRP A 204 -18.69 -39.59 -24.93
C TRP A 204 -17.81 -39.75 -23.70
N ALA A 205 -17.20 -38.66 -23.24
CA ALA A 205 -16.65 -38.52 -21.88
C ALA A 205 -17.36 -37.38 -21.15
N LEU A 206 -18.05 -37.69 -20.04
CA LEU A 206 -18.92 -36.78 -19.24
C LEU A 206 -18.54 -36.87 -17.75
N SER A 207 -18.53 -35.74 -17.02
CA SER A 207 -18.38 -35.70 -15.55
C SER A 207 -16.91 -35.95 -15.11
N PHE A 208 -15.94 -35.33 -15.79
CA PHE A 208 -14.49 -35.47 -15.49
C PHE A 208 -13.90 -34.12 -15.10
N TYR A 209 -13.00 -34.15 -14.11
CA TYR A 209 -12.13 -33.03 -13.67
C TYR A 209 -10.72 -33.59 -13.38
N PRO A 210 -9.62 -32.91 -13.79
CA PRO A 210 -9.68 -31.59 -14.42
C PRO A 210 -10.03 -31.78 -15.89
N ALA A 211 -9.92 -30.72 -16.70
CA ALA A 211 -10.52 -30.60 -18.05
C ALA A 211 -9.56 -31.15 -19.12
N GLU A 212 -8.26 -31.24 -18.83
CA GLU A 212 -7.24 -31.90 -19.69
C GLU A 212 -7.70 -33.35 -19.90
N ILE A 213 -7.63 -33.83 -21.14
CA ILE A 213 -8.16 -35.16 -21.56
C ILE A 213 -7.73 -35.41 -23.01
N THR A 214 -7.67 -36.68 -23.42
CA THR A 214 -7.39 -37.09 -24.83
C THR A 214 -8.35 -38.19 -25.25
N LEU A 215 -9.25 -37.88 -26.21
CA LEU A 215 -10.08 -38.85 -26.96
C LEU A 215 -9.49 -39.05 -28.35
N THR A 216 -9.06 -40.26 -28.66
CA THR A 216 -8.50 -40.62 -29.99
C THR A 216 -9.01 -42.02 -30.38
N TRP A 217 -9.27 -42.24 -31.67
CA TRP A 217 -9.74 -43.53 -32.24
C TRP A 217 -8.55 -44.24 -32.89
N GLN A 218 -8.66 -45.56 -33.09
CA GLN A 218 -7.78 -46.35 -34.01
C GLN A 218 -8.55 -47.58 -34.50
N ARG A 219 -7.93 -48.37 -35.37
CA ARG A 219 -8.35 -49.76 -35.70
C ARG A 219 -7.19 -50.45 -36.45
N ASP A 220 -6.88 -51.72 -36.10
CA ASP A 220 -5.92 -52.60 -36.83
C ASP A 220 -4.52 -51.97 -36.90
N GLY A 221 -4.30 -50.87 -36.17
CA GLY A 221 -3.09 -50.03 -36.28
C GLY A 221 -3.00 -49.07 -35.11
N GLU A 222 -1.84 -49.02 -34.44
CA GLU A 222 -1.54 -48.10 -33.31
C GLU A 222 -1.70 -46.65 -33.78
N ASP A 223 -1.14 -46.32 -34.94
CA ASP A 223 -1.36 -45.04 -35.67
C ASP A 223 -2.86 -44.72 -35.64
N GLN A 224 -3.23 -43.60 -35.01
CA GLN A 224 -4.63 -43.18 -34.72
C GLN A 224 -5.40 -43.05 -36.05
N THR A 225 -6.63 -42.50 -36.02
CA THR A 225 -7.35 -41.99 -37.22
C THR A 225 -6.98 -40.50 -37.42
N GLN A 226 -6.09 -40.23 -38.39
CA GLN A 226 -5.57 -38.88 -38.76
C GLN A 226 -6.67 -37.83 -38.58
N ASP A 227 -7.80 -38.00 -39.27
CA ASP A 227 -8.94 -37.05 -39.31
C ASP A 227 -10.07 -37.56 -38.40
N THR A 228 -10.61 -36.67 -37.56
CA THR A 228 -11.57 -36.97 -36.46
C THR A 228 -12.31 -35.68 -36.07
N GLU A 229 -13.66 -35.72 -36.02
CA GLU A 229 -14.53 -34.62 -35.49
C GLU A 229 -14.52 -34.69 -33.95
N LEU A 230 -13.76 -33.83 -33.28
CA LEU A 230 -13.72 -33.69 -31.79
C LEU A 230 -14.13 -32.25 -31.42
N VAL A 231 -14.95 -32.08 -30.37
CA VAL A 231 -15.46 -30.73 -29.94
C VAL A 231 -14.54 -30.20 -28.85
N GLU A 232 -14.37 -28.88 -28.82
CA GLU A 232 -13.80 -28.13 -27.67
C GLU A 232 -14.45 -28.68 -26.38
N THR A 233 -13.62 -29.11 -25.41
CA THR A 233 -14.07 -29.51 -24.06
C THR A 233 -14.97 -28.40 -23.52
N ARG A 234 -16.02 -28.75 -22.77
CA ARG A 234 -17.07 -27.78 -22.34
C ARG A 234 -17.46 -28.00 -20.89
N PRO A 235 -17.71 -26.93 -20.12
CA PRO A 235 -18.12 -27.07 -18.73
C PRO A 235 -19.56 -27.59 -18.63
N ALA A 236 -19.77 -28.74 -18.01
CA ALA A 236 -21.10 -29.25 -17.61
C ALA A 236 -21.84 -28.22 -16.75
N GLY A 237 -21.10 -27.36 -16.03
CA GLY A 237 -21.66 -26.28 -15.18
C GLY A 237 -21.94 -26.75 -13.77
N ASP A 238 -21.77 -28.05 -13.50
CA ASP A 238 -21.82 -28.63 -12.12
C ASP A 238 -20.40 -28.62 -11.49
N GLY A 239 -19.37 -28.28 -12.26
CA GLY A 239 -17.97 -28.36 -11.82
C GLY A 239 -17.15 -29.30 -12.70
N THR A 240 -17.80 -30.31 -13.30
CA THR A 240 -17.16 -31.27 -14.23
C THR A 240 -17.10 -30.66 -15.63
N PHE A 241 -16.54 -31.42 -16.58
CA PHE A 241 -16.40 -31.06 -18.01
C PHE A 241 -16.83 -32.25 -18.87
N GLN A 242 -17.18 -31.98 -20.13
CA GLN A 242 -17.69 -32.98 -21.09
C GLN A 242 -16.92 -32.82 -22.39
N LYS A 243 -16.88 -33.87 -23.19
CA LYS A 243 -16.22 -33.87 -24.51
C LYS A 243 -16.50 -35.20 -25.19
N TRP A 244 -16.80 -35.15 -26.49
CA TRP A 244 -16.87 -36.34 -27.37
C TRP A 244 -15.88 -36.17 -28.50
N ALA A 245 -15.36 -37.27 -29.01
CA ALA A 245 -14.78 -37.39 -30.36
C ALA A 245 -15.58 -38.45 -31.12
N ALA A 246 -15.73 -38.27 -32.43
CA ALA A 246 -16.52 -39.16 -33.31
C ALA A 246 -15.84 -39.25 -34.68
N VAL A 247 -16.05 -40.37 -35.34
CA VAL A 247 -15.42 -40.71 -36.64
C VAL A 247 -16.48 -41.40 -37.52
N VAL A 248 -16.28 -41.39 -38.84
CA VAL A 248 -17.22 -41.98 -39.85
C VAL A 248 -16.61 -43.31 -40.31
N VAL A 249 -17.42 -44.37 -40.33
CA VAL A 249 -16.94 -45.78 -40.46
C VAL A 249 -17.80 -46.51 -41.48
N PRO A 250 -17.24 -47.52 -42.18
CA PRO A 250 -18.02 -48.41 -43.03
C PRO A 250 -19.10 -49.19 -42.25
N SER A 251 -20.29 -49.30 -42.82
CA SER A 251 -21.39 -50.18 -42.34
C SER A 251 -20.83 -51.55 -41.94
N GLY A 252 -19.88 -52.06 -42.74
CA GLY A 252 -19.20 -53.36 -42.54
C GLY A 252 -18.36 -53.40 -41.25
N GLN A 253 -17.46 -52.43 -41.06
CA GLN A 253 -16.44 -52.45 -39.97
C GLN A 253 -16.91 -51.59 -38.79
N GLU A 254 -18.16 -51.76 -38.36
CA GLU A 254 -18.79 -51.04 -37.20
C GLU A 254 -17.97 -51.25 -35.94
N GLN A 255 -17.83 -52.50 -35.50
CA GLN A 255 -17.33 -52.94 -34.16
C GLN A 255 -15.86 -53.36 -34.28
N ARG A 256 -15.10 -52.63 -35.11
CA ARG A 256 -13.68 -52.88 -35.44
C ARG A 256 -12.83 -51.71 -34.95
N TYR A 257 -13.39 -50.49 -34.94
CA TYR A 257 -12.73 -49.27 -34.43
C TYR A 257 -12.91 -49.19 -32.90
N THR A 258 -11.93 -48.58 -32.22
CA THR A 258 -11.83 -48.50 -30.75
C THR A 258 -11.37 -47.09 -30.34
N CYS A 259 -11.87 -46.60 -29.20
CA CYS A 259 -11.69 -45.22 -28.66
C CYS A 259 -10.84 -45.26 -27.38
N HIS A 260 -9.83 -44.37 -27.27
CA HIS A 260 -8.76 -44.37 -26.23
C HIS A 260 -8.79 -43.10 -25.37
N VAL A 261 -9.43 -43.19 -24.22
CA VAL A 261 -9.58 -42.06 -23.27
C VAL A 261 -8.37 -42.04 -22.32
N GLN A 262 -7.73 -40.88 -22.15
CA GLN A 262 -6.59 -40.65 -21.21
C GLN A 262 -6.95 -39.50 -20.27
N HIS A 263 -6.66 -39.67 -18.98
CA HIS A 263 -7.09 -38.73 -17.94
C HIS A 263 -6.44 -39.12 -16.62
N GLU A 264 -5.87 -38.14 -15.90
CA GLU A 264 -5.26 -38.31 -14.55
C GLU A 264 -6.14 -39.22 -13.68
N GLY A 265 -7.46 -39.15 -13.84
CA GLY A 265 -8.44 -39.92 -13.05
C GLY A 265 -8.46 -41.39 -13.43
N LEU A 266 -7.74 -41.78 -14.49
CA LEU A 266 -7.74 -43.15 -15.03
C LEU A 266 -6.47 -43.87 -14.59
N PRO A 267 -6.57 -44.83 -13.62
CA PRO A 267 -5.42 -45.65 -13.22
C PRO A 267 -4.65 -46.09 -14.47
N LYS A 268 -5.38 -46.58 -15.48
CA LYS A 268 -4.84 -46.97 -16.82
C LYS A 268 -5.76 -46.40 -17.90
N PRO A 269 -5.22 -46.04 -19.09
CA PRO A 269 -6.03 -45.55 -20.21
C PRO A 269 -7.17 -46.49 -20.63
N LEU A 270 -8.42 -46.00 -20.57
CA LEU A 270 -9.66 -46.74 -20.94
C LEU A 270 -9.65 -47.06 -22.44
N THR A 271 -10.41 -48.08 -22.84
CA THR A 271 -10.55 -48.55 -24.26
C THR A 271 -11.97 -49.12 -24.47
N LEU A 272 -12.66 -48.68 -25.54
CA LEU A 272 -14.10 -48.99 -25.83
C LEU A 272 -14.28 -49.29 -27.33
N ARG A 273 -15.17 -50.23 -27.67
CA ARG A 273 -15.61 -50.53 -29.08
C ARG A 273 -17.10 -50.89 -29.09
N TRP A 274 -17.79 -50.68 -30.22
CA TRP A 274 -19.29 -50.68 -30.32
C TRP A 274 -19.86 -52.05 -29.91
N GLU A 275 -20.98 -52.04 -29.18
CA GLU A 275 -21.92 -53.19 -29.02
C GLU A 275 -23.36 -52.68 -28.89
N PRO A 276 -24.33 -53.16 -29.73
CA PRO A 276 -25.75 -52.97 -29.45
C PRO A 276 -26.14 -53.51 -28.07
N MET B 1 -7.64 -3.59 -33.50
CA MET B 1 -8.98 -4.17 -33.16
C MET B 1 -9.08 -5.52 -33.84
N ILE B 2 -9.41 -6.56 -33.07
CA ILE B 2 -9.94 -7.83 -33.62
C ILE B 2 -11.31 -8.06 -33.01
N GLN B 3 -12.24 -8.51 -33.82
CA GLN B 3 -13.55 -9.03 -33.39
C GLN B 3 -13.60 -10.47 -33.85
N ARG B 4 -14.30 -11.30 -33.11
CA ARG B 4 -14.23 -12.74 -33.35
C ARG B 4 -15.64 -13.26 -33.17
N THR B 5 -16.10 -14.01 -34.14
CA THR B 5 -17.42 -14.64 -34.15
C THR B 5 -17.50 -15.64 -33.03
N PRO B 6 -18.59 -15.65 -32.24
CA PRO B 6 -18.78 -16.67 -31.23
C PRO B 6 -19.00 -18.05 -31.85
N LYS B 7 -18.48 -19.08 -31.20
CA LYS B 7 -18.86 -20.50 -31.39
C LYS B 7 -19.94 -20.77 -30.35
N ILE B 8 -20.87 -21.69 -30.63
CA ILE B 8 -22.03 -22.00 -29.75
C ILE B 8 -22.13 -23.50 -29.62
N GLN B 9 -22.55 -23.99 -28.45
CA GLN B 9 -22.81 -25.42 -28.19
C GLN B 9 -23.98 -25.54 -27.23
N VAL B 10 -24.96 -26.35 -27.60
CA VAL B 10 -26.20 -26.57 -26.81
C VAL B 10 -26.24 -28.02 -26.39
N TYR B 11 -26.43 -28.26 -25.08
CA TYR B 11 -26.32 -29.59 -24.45
C TYR B 11 -26.93 -29.53 -23.05
N SER B 12 -27.15 -30.71 -22.46
CA SER B 12 -27.59 -30.89 -21.05
C SER B 12 -26.38 -31.22 -20.18
N ARG B 13 -26.52 -30.93 -18.88
CA ARG B 13 -25.53 -31.26 -17.82
C ARG B 13 -25.45 -32.79 -17.68
N HIS B 14 -26.59 -33.46 -17.51
CA HIS B 14 -26.70 -34.95 -17.40
C HIS B 14 -27.45 -35.49 -18.62
N PRO B 15 -27.04 -36.67 -19.18
CA PRO B 15 -27.65 -37.22 -20.40
C PRO B 15 -29.19 -37.25 -20.36
N ALA B 16 -29.84 -36.65 -21.39
CA ALA B 16 -31.28 -36.26 -21.39
C ALA B 16 -32.19 -37.47 -21.10
N GLU B 17 -33.18 -37.29 -20.22
CA GLU B 17 -34.25 -38.29 -19.93
C GLU B 17 -35.55 -37.55 -19.60
N ASN B 18 -36.65 -37.96 -20.23
CA ASN B 18 -37.90 -37.16 -20.36
C ASN B 18 -38.63 -37.14 -19.03
N GLY B 19 -39.09 -35.96 -18.59
CA GLY B 19 -39.85 -35.76 -17.34
C GLY B 19 -38.95 -35.72 -16.12
N LYS B 20 -37.62 -35.72 -16.33
CA LYS B 20 -36.54 -35.70 -15.29
C LYS B 20 -35.83 -34.34 -15.31
N SER B 21 -35.88 -33.59 -14.21
CA SER B 21 -35.22 -32.26 -14.08
C SER B 21 -33.72 -32.42 -14.37
N ASN B 22 -33.06 -31.33 -14.75
CA ASN B 22 -31.74 -31.30 -15.45
C ASN B 22 -31.41 -29.81 -15.64
N PHE B 23 -30.36 -29.50 -16.40
CA PHE B 23 -29.95 -28.13 -16.74
C PHE B 23 -29.63 -28.08 -18.23
N LEU B 24 -30.13 -27.04 -18.92
CA LEU B 24 -29.85 -26.82 -20.35
C LEU B 24 -28.79 -25.73 -20.43
N ASN B 25 -27.66 -26.05 -21.07
CA ASN B 25 -26.44 -25.21 -21.18
C ASN B 25 -26.28 -24.71 -22.61
N CYS B 26 -26.07 -23.41 -22.78
CA CYS B 26 -25.64 -22.81 -24.05
C CYS B 26 -24.30 -22.12 -23.79
N TYR B 27 -23.25 -22.59 -24.48
CA TYR B 27 -21.84 -22.32 -24.14
C TYR B 27 -21.18 -21.56 -25.29
N VAL B 28 -20.95 -20.28 -25.09
CA VAL B 28 -20.44 -19.38 -26.14
C VAL B 28 -18.99 -19.05 -25.80
N SER B 29 -18.08 -19.28 -26.75
CA SER B 29 -16.62 -19.23 -26.58
C SER B 29 -15.99 -18.65 -27.83
N GLY B 30 -14.84 -17.99 -27.70
CA GLY B 30 -14.05 -17.59 -28.89
C GLY B 30 -14.52 -16.26 -29.46
N PHE B 31 -15.17 -15.42 -28.67
CA PHE B 31 -15.73 -14.15 -29.20
C PHE B 31 -15.04 -12.93 -28.60
N HIS B 32 -15.11 -11.84 -29.37
CA HIS B 32 -14.60 -10.49 -29.01
C HIS B 32 -15.35 -9.48 -29.89
N PRO B 33 -15.94 -8.39 -29.35
CA PRO B 33 -15.91 -8.02 -27.94
C PRO B 33 -16.78 -8.86 -26.97
N SER B 34 -16.84 -8.47 -25.69
CA SER B 34 -17.54 -9.21 -24.61
C SER B 34 -19.05 -8.99 -24.68
N ASP B 35 -19.52 -7.85 -25.20
CA ASP B 35 -20.98 -7.58 -25.34
C ASP B 35 -21.56 -8.68 -26.24
N ILE B 36 -22.52 -9.44 -25.72
CA ILE B 36 -23.14 -10.57 -26.45
C ILE B 36 -24.58 -10.78 -25.95
N GLU B 37 -25.55 -10.84 -26.87
CA GLU B 37 -26.96 -11.18 -26.57
C GLU B 37 -27.11 -12.70 -26.69
N VAL B 38 -27.36 -13.40 -25.58
CA VAL B 38 -27.61 -14.88 -25.54
C VAL B 38 -28.94 -15.14 -24.84
N ASP B 39 -29.81 -15.92 -25.48
CA ASP B 39 -31.17 -16.27 -25.00
C ASP B 39 -31.35 -17.78 -25.12
N LEU B 40 -31.97 -18.39 -24.12
CA LEU B 40 -32.45 -19.79 -24.20
C LEU B 40 -33.93 -19.81 -24.60
N LEU B 41 -34.31 -20.71 -25.51
CA LEU B 41 -35.66 -20.80 -26.12
C LEU B 41 -36.32 -22.12 -25.73
N LYS B 42 -37.65 -22.11 -25.58
CA LYS B 42 -38.55 -23.28 -25.39
C LYS B 42 -39.60 -23.30 -26.51
N ASN B 43 -39.41 -24.17 -27.51
CA ASN B 43 -40.38 -24.40 -28.63
C ASN B 43 -40.23 -23.30 -29.70
N GLY B 44 -39.29 -22.36 -29.51
CA GLY B 44 -39.16 -21.08 -30.25
C GLY B 44 -39.30 -19.90 -29.31
N GLU B 45 -39.75 -20.19 -28.07
CA GLU B 45 -40.32 -19.22 -27.07
C GLU B 45 -39.35 -19.01 -25.91
N ARG B 46 -38.82 -17.79 -25.77
CA ARG B 46 -37.73 -17.39 -24.83
C ARG B 46 -38.02 -17.87 -23.39
N ILE B 47 -37.01 -18.47 -22.71
CA ILE B 47 -37.02 -18.73 -21.24
C ILE B 47 -36.67 -17.43 -20.54
N GLU B 48 -37.16 -17.21 -19.32
CA GLU B 48 -37.08 -15.90 -18.62
C GLU B 48 -35.92 -15.91 -17.61
N LYS B 49 -35.86 -16.92 -16.74
CA LYS B 49 -34.83 -17.05 -15.67
C LYS B 49 -33.66 -17.88 -16.20
N VAL B 50 -32.66 -17.21 -16.77
CA VAL B 50 -31.43 -17.83 -17.34
C VAL B 50 -30.25 -17.11 -16.71
N GLU B 51 -29.40 -17.85 -15.99
CA GLU B 51 -28.18 -17.31 -15.32
C GLU B 51 -26.96 -17.57 -16.21
N HIS B 52 -25.81 -16.91 -15.91
CA HIS B 52 -24.54 -17.08 -16.68
C HIS B 52 -23.29 -17.08 -15.78
N SER B 53 -22.30 -17.89 -16.16
CA SER B 53 -20.93 -17.94 -15.59
C SER B 53 -20.37 -16.52 -15.52
N ASP B 54 -19.37 -16.28 -14.66
CA ASP B 54 -18.62 -15.01 -14.63
C ASP B 54 -17.76 -14.92 -15.89
N LEU B 55 -17.46 -13.72 -16.32
CA LEU B 55 -16.82 -13.54 -17.64
C LEU B 55 -15.33 -13.86 -17.49
N SER B 56 -14.82 -14.66 -18.41
CA SER B 56 -13.40 -15.08 -18.45
C SER B 56 -12.98 -15.24 -19.90
N PHE B 57 -11.74 -15.63 -20.14
CA PHE B 57 -11.19 -15.69 -21.51
C PHE B 57 -9.98 -16.63 -21.59
N SER B 58 -9.68 -16.98 -22.83
CA SER B 58 -8.67 -17.97 -23.24
C SER B 58 -7.36 -17.27 -23.57
N LYS B 59 -6.34 -18.04 -23.94
CA LYS B 59 -4.99 -17.53 -24.25
C LYS B 59 -5.09 -16.46 -25.34
N ASP B 60 -5.90 -16.71 -26.38
CA ASP B 60 -6.08 -15.76 -27.53
C ASP B 60 -6.87 -14.51 -27.09
N TRP B 61 -7.25 -14.42 -25.81
CA TRP B 61 -8.04 -13.29 -25.22
C TRP B 61 -9.54 -13.36 -25.60
N SER B 62 -9.97 -14.36 -26.37
CA SER B 62 -11.40 -14.51 -26.79
C SER B 62 -12.22 -14.96 -25.59
N PHE B 63 -13.38 -14.35 -25.41
CA PHE B 63 -14.28 -14.53 -24.24
C PHE B 63 -14.94 -15.90 -24.33
N TYR B 64 -15.30 -16.46 -23.18
CA TYR B 64 -16.25 -17.58 -23.08
C TYR B 64 -17.23 -17.24 -21.97
N LEU B 65 -18.38 -17.90 -21.99
CA LEU B 65 -19.57 -17.62 -21.15
C LEU B 65 -20.49 -18.83 -21.32
N LEU B 66 -21.00 -19.35 -20.21
CA LEU B 66 -22.00 -20.44 -20.19
C LEU B 66 -23.30 -19.91 -19.61
N TYR B 67 -24.32 -19.76 -20.49
CA TYR B 67 -25.74 -19.58 -20.12
C TYR B 67 -26.37 -20.95 -19.89
N TYR B 68 -27.10 -21.07 -18.78
CA TYR B 68 -27.86 -22.28 -18.35
C TYR B 68 -29.15 -21.86 -17.64
N THR B 69 -30.15 -22.73 -17.71
CA THR B 69 -31.38 -22.68 -16.87
C THR B 69 -31.73 -24.11 -16.46
N GLU B 70 -32.43 -24.26 -15.32
CA GLU B 70 -33.02 -25.55 -14.89
C GLU B 70 -34.26 -25.81 -15.73
N PHE B 71 -34.35 -27.01 -16.31
CA PHE B 71 -35.42 -27.45 -17.24
C PHE B 71 -35.65 -28.96 -17.06
N THR B 72 -36.86 -29.44 -17.32
CA THR B 72 -37.15 -30.89 -17.50
C THR B 72 -37.53 -31.11 -18.97
N PRO B 73 -36.82 -31.98 -19.73
CA PRO B 73 -37.14 -32.22 -21.13
C PRO B 73 -38.22 -33.29 -21.36
N THR B 74 -38.55 -33.51 -22.63
CA THR B 74 -39.71 -34.30 -23.11
C THR B 74 -39.72 -34.25 -24.64
N GLU B 75 -40.25 -35.28 -25.31
CA GLU B 75 -39.90 -35.58 -26.73
C GLU B 75 -40.54 -34.57 -27.69
N LYS B 76 -41.52 -33.80 -27.23
CA LYS B 76 -42.30 -32.85 -28.09
C LYS B 76 -41.67 -31.46 -28.04
N ASP B 77 -41.00 -31.11 -26.93
CA ASP B 77 -40.42 -29.77 -26.67
C ASP B 77 -39.07 -29.62 -27.40
N GLU B 78 -38.99 -28.67 -28.34
CA GLU B 78 -37.80 -28.40 -29.21
C GLU B 78 -37.01 -27.18 -28.69
N TYR B 79 -35.91 -27.43 -27.95
CA TYR B 79 -35.11 -26.39 -27.25
C TYR B 79 -33.97 -25.89 -28.13
N ALA B 80 -33.64 -24.61 -28.00
CA ALA B 80 -32.63 -23.93 -28.83
C ALA B 80 -32.01 -22.75 -28.07
N CYS B 81 -30.76 -22.45 -28.39
CA CYS B 81 -30.05 -21.23 -27.94
C CYS B 81 -29.94 -20.26 -29.12
N ARG B 82 -30.31 -18.99 -28.91
CA ARG B 82 -30.16 -17.93 -29.94
C ARG B 82 -29.14 -16.92 -29.43
N VAL B 83 -28.17 -16.59 -30.27
CA VAL B 83 -27.01 -15.74 -29.93
C VAL B 83 -26.92 -14.63 -30.96
N ASN B 84 -26.65 -13.41 -30.50
CA ASN B 84 -26.40 -12.28 -31.41
C ASN B 84 -25.18 -11.49 -30.92
N HIS B 85 -24.38 -10.99 -31.87
CA HIS B 85 -23.04 -10.39 -31.66
C HIS B 85 -22.68 -9.55 -32.92
N VAL B 86 -21.97 -8.43 -32.77
CA VAL B 86 -21.69 -7.48 -33.89
C VAL B 86 -21.02 -8.21 -35.05
N THR B 87 -20.44 -9.40 -34.84
CA THR B 87 -19.64 -10.11 -35.87
C THR B 87 -20.60 -10.83 -36.78
N LEU B 88 -21.78 -11.17 -36.26
CA LEU B 88 -22.83 -11.95 -36.96
C LEU B 88 -23.67 -11.03 -37.88
N SER B 89 -23.86 -11.40 -39.14
CA SER B 89 -24.78 -10.68 -40.05
C SER B 89 -26.19 -10.67 -39.46
N GLN B 90 -26.53 -11.68 -38.64
CA GLN B 90 -27.84 -11.77 -37.93
C GLN B 90 -27.84 -12.96 -36.97
N PRO B 91 -28.79 -13.05 -36.02
CA PRO B 91 -28.72 -14.04 -34.96
C PRO B 91 -28.58 -15.48 -35.49
N LYS B 92 -27.55 -16.21 -35.03
CA LYS B 92 -27.41 -17.69 -35.20
C LYS B 92 -28.31 -18.33 -34.13
N ILE B 93 -29.28 -19.14 -34.55
CA ILE B 93 -30.10 -20.02 -33.66
C ILE B 93 -29.62 -21.48 -33.84
N VAL B 94 -29.03 -22.06 -32.79
CA VAL B 94 -28.58 -23.48 -32.75
C VAL B 94 -29.61 -24.27 -31.93
N LYS B 95 -30.01 -25.44 -32.46
CA LYS B 95 -31.02 -26.34 -31.84
C LYS B 95 -30.30 -27.32 -30.92
N TRP B 96 -30.86 -27.60 -29.74
CA TRP B 96 -30.38 -28.70 -28.87
C TRP B 96 -30.63 -30.03 -29.59
N ASP B 97 -29.80 -31.04 -29.31
CA ASP B 97 -29.86 -32.37 -29.96
C ASP B 97 -29.18 -33.39 -29.05
N ARG B 98 -29.94 -34.29 -28.44
CA ARG B 98 -29.41 -35.44 -27.66
C ARG B 98 -28.45 -36.21 -28.57
N ASP B 99 -27.37 -36.77 -28.00
CA ASP B 99 -26.34 -37.58 -28.72
C ASP B 99 -25.46 -36.67 -29.58
N MET B 100 -25.51 -35.36 -29.33
CA MET B 100 -24.74 -34.31 -30.05
C MET B 100 -24.33 -33.18 -29.06
N ASN C 1 -4.47 -15.05 -4.10
CA ASN C 1 -4.08 -13.74 -3.50
C ASN C 1 -3.64 -12.81 -4.63
N LEU C 2 -4.37 -11.71 -4.87
CA LEU C 2 -4.01 -10.68 -5.91
C LEU C 2 -2.58 -10.14 -5.60
N SER C 3 -1.78 -9.88 -6.62
CA SER C 3 -0.57 -9.02 -6.55
C SER C 3 -0.92 -7.66 -5.92
N ALA C 4 -0.05 -7.17 -5.01
CA ALA C 4 -0.06 -5.78 -4.49
C ALA C 4 1.17 -5.07 -5.03
N LEU C 5 1.76 -5.62 -6.08
CA LEU C 5 2.96 -5.08 -6.76
C LEU C 5 2.74 -5.09 -8.26
N GLY C 6 3.46 -4.21 -8.95
CA GLY C 6 3.74 -4.34 -10.38
C GLY C 6 2.52 -4.09 -11.21
N ILE C 7 1.47 -3.57 -10.59
CA ILE C 7 0.19 -3.18 -11.23
C ILE C 7 0.25 -1.67 -11.45
N PHE C 8 0.55 -1.28 -12.68
CA PHE C 8 1.09 0.07 -12.99
C PHE C 8 0.39 0.63 -14.23
N SER C 9 0.14 1.94 -14.28
CA SER C 9 -0.47 2.67 -15.45
C SER C 9 0.22 2.20 -16.74
N THR C 10 -0.41 2.37 -17.89
CA THR C 10 0.13 2.06 -19.23
C THR C 10 0.78 3.33 -19.82
N GLU D 1 -0.36 -6.95 11.70
CA GLU D 1 0.34 -6.12 12.78
C GLU D 1 1.83 -6.03 12.44
N VAL D 2 2.45 -4.92 12.79
CA VAL D 2 3.90 -4.71 12.58
C VAL D 2 4.48 -4.17 13.88
N GLU D 3 5.55 -4.80 14.35
CA GLU D 3 6.14 -4.59 15.70
C GLU D 3 7.58 -4.13 15.52
N GLN D 4 7.90 -3.01 16.13
CA GLN D 4 9.27 -2.52 16.27
C GLN D 4 9.40 -1.94 17.67
N ASN D 5 10.59 -2.07 18.26
CA ASN D 5 10.87 -1.65 19.65
C ASN D 5 10.91 -0.13 19.68
N SER D 6 10.23 0.48 20.62
CA SER D 6 10.49 1.88 21.02
C SER D 6 11.93 1.96 21.47
N GLY D 7 12.64 2.97 21.06
CA GLY D 7 13.89 3.29 21.80
C GLY D 7 13.53 3.80 23.20
N PRO D 8 14.29 4.81 23.69
CA PRO D 8 15.43 5.32 22.97
C PRO D 8 16.51 4.24 22.95
N LEU D 9 16.95 3.99 21.73
CA LEU D 9 18.04 3.09 21.36
C LEU D 9 19.26 3.99 21.16
N SER D 10 20.20 3.96 22.11
CA SER D 10 21.40 4.85 22.17
C SER D 10 22.61 4.14 21.56
N VAL D 11 23.31 4.78 20.63
CA VAL D 11 24.47 4.18 19.91
C VAL D 11 25.54 5.26 19.73
N PRO D 12 26.82 4.96 20.03
CA PRO D 12 27.90 5.94 19.87
C PRO D 12 28.15 6.38 18.42
N GLU D 13 28.56 7.62 18.25
CA GLU D 13 28.95 8.18 16.95
C GLU D 13 29.89 7.18 16.29
N GLY D 14 29.60 6.77 15.06
CA GLY D 14 30.52 5.97 14.24
C GLY D 14 30.18 4.49 14.23
N ALA D 15 29.48 3.99 15.27
CA ALA D 15 29.04 2.58 15.38
C ALA D 15 27.91 2.32 14.39
N ILE D 16 27.48 1.05 14.31
CA ILE D 16 26.30 0.57 13.52
C ILE D 16 25.10 0.49 14.46
N ALA D 17 24.01 1.22 14.10
CA ALA D 17 22.64 1.13 14.67
C ALA D 17 21.91 -0.02 13.99
N SER D 18 21.41 -1.00 14.74
CA SER D 18 20.59 -2.10 14.16
C SER D 18 19.16 -1.98 14.68
N LEU D 19 18.26 -1.62 13.75
CA LEU D 19 16.80 -1.49 13.95
C LEU D 19 16.13 -2.70 13.31
N ASN D 20 15.08 -3.19 13.94
CA ASN D 20 14.36 -4.42 13.50
C ASN D 20 12.83 -4.16 13.48
N CYS D 21 12.12 -4.95 12.70
CA CYS D 21 10.67 -4.84 12.49
C CYS D 21 10.11 -6.21 12.10
N THR D 22 9.24 -6.77 12.93
CA THR D 22 8.58 -8.08 12.68
C THR D 22 7.21 -7.78 12.07
N TYR D 23 6.56 -8.78 11.49
CA TYR D 23 5.16 -8.70 11.00
C TYR D 23 4.60 -10.11 10.90
N SER D 24 3.30 -10.27 11.04
CA SER D 24 2.61 -11.58 11.22
C SER D 24 1.87 -12.02 9.95
N ASP D 25 1.42 -11.07 9.12
CA ASP D 25 0.49 -11.28 7.97
C ASP D 25 1.23 -11.92 6.78
N ARG D 26 0.93 -13.17 6.49
CA ARG D 26 1.49 -13.88 5.33
C ARG D 26 0.99 -13.23 4.04
N GLY D 27 0.14 -12.22 4.12
CA GLY D 27 -0.31 -11.44 2.95
C GLY D 27 0.68 -10.35 2.54
N SER D 28 1.75 -10.13 3.30
CA SER D 28 2.59 -8.92 3.16
C SER D 28 3.44 -9.06 1.90
N GLN D 29 3.70 -7.98 1.17
CA GLN D 29 4.29 -8.06 -0.19
C GLN D 29 5.26 -6.89 -0.44
N SER D 30 5.28 -5.85 0.37
CA SER D 30 6.41 -4.91 0.33
C SER D 30 6.56 -4.15 1.66
N PHE D 31 7.78 -3.59 1.83
CA PHE D 31 8.43 -3.32 3.14
C PHE D 31 9.23 -2.05 3.00
N PHE D 32 9.23 -1.23 4.03
CA PHE D 32 9.64 0.18 3.91
C PHE D 32 10.21 0.63 5.25
N TRP D 33 11.31 1.37 5.20
CA TRP D 33 11.75 2.21 6.32
C TRP D 33 11.58 3.67 5.91
N TYR D 34 10.90 4.44 6.76
CA TYR D 34 10.77 5.91 6.69
C TYR D 34 11.59 6.50 7.83
N ARG D 35 12.09 7.71 7.66
CA ARG D 35 12.79 8.45 8.75
C ARG D 35 12.00 9.68 9.09
N GLN D 36 11.69 9.87 10.37
CA GLN D 36 10.93 11.05 10.82
C GLN D 36 11.71 11.78 11.89
N TYR D 37 12.40 12.83 11.50
CA TYR D 37 12.88 13.89 12.42
C TYR D 37 11.66 14.53 13.08
N SER D 38 11.79 14.91 14.35
CA SER D 38 10.71 15.38 15.24
C SER D 38 10.13 16.70 14.70
N GLY D 39 8.82 16.89 14.83
CA GLY D 39 8.13 18.09 14.34
C GLY D 39 7.80 18.00 12.87
N LYS D 40 8.38 17.01 12.19
CA LYS D 40 8.44 16.89 10.72
C LYS D 40 7.71 15.62 10.27
N SER D 41 7.60 15.43 8.96
CA SER D 41 6.84 14.35 8.32
C SER D 41 7.79 13.25 7.90
N PRO D 42 7.35 11.99 7.86
CA PRO D 42 8.22 10.88 7.51
C PRO D 42 8.69 11.01 6.06
N GLU D 43 9.95 10.69 5.78
CA GLU D 43 10.44 10.61 4.39
C GLU D 43 11.04 9.22 4.21
N LEU D 44 10.74 8.58 3.09
CA LEU D 44 11.16 7.20 2.77
C LEU D 44 12.69 7.16 2.70
N ILE D 45 13.31 6.17 3.32
CA ILE D 45 14.76 5.92 3.13
C ILE D 45 14.95 4.57 2.45
N MET D 46 14.02 3.61 2.59
CA MET D 46 14.23 2.26 2.02
C MET D 46 12.89 1.59 1.69
N PHE D 47 12.84 0.98 0.51
CA PHE D 47 11.80 0.02 0.09
C PHE D 47 12.50 -1.25 -0.39
N ILE D 48 12.01 -2.42 -0.02
CA ILE D 48 12.56 -3.72 -0.50
C ILE D 48 11.40 -4.70 -0.68
N TYR D 49 11.46 -5.61 -1.65
CA TYR D 49 10.37 -6.62 -1.88
C TYR D 49 10.88 -8.04 -2.18
N SER D 50 12.18 -8.23 -2.42
CA SER D 50 12.82 -9.56 -2.56
C SER D 50 13.66 -9.86 -1.34
N ASN D 51 13.56 -11.08 -0.79
CA ASN D 51 14.50 -11.56 0.25
C ASN D 51 15.90 -11.17 -0.20
N GLY D 52 16.72 -10.70 0.72
CA GLY D 52 18.12 -10.31 0.46
C GLY D 52 18.51 -9.09 1.28
N ASP D 53 19.64 -8.47 0.94
CA ASP D 53 20.07 -7.17 1.48
C ASP D 53 20.01 -6.12 0.36
N LYS D 54 19.69 -4.87 0.72
CA LYS D 54 19.68 -3.70 -0.18
C LYS D 54 20.36 -2.54 0.54
N GLU D 55 21.40 -1.98 -0.07
CA GLU D 55 22.25 -0.96 0.56
C GLU D 55 22.15 0.32 -0.25
N ASP D 56 21.86 1.43 0.45
CA ASP D 56 21.88 2.82 -0.07
C ASP D 56 22.73 3.65 0.88
N GLY D 57 23.88 4.15 0.41
CA GLY D 57 24.90 4.79 1.25
C GLY D 57 25.13 4.02 2.53
N ARG D 58 24.80 4.60 3.67
CA ARG D 58 25.14 4.05 5.01
C ARG D 58 23.97 3.20 5.51
N PHE D 59 22.95 3.03 4.67
CA PHE D 59 21.72 2.27 5.02
C PHE D 59 21.73 0.91 4.34
N THR D 60 21.43 -0.13 5.10
CA THR D 60 21.20 -1.47 4.54
C THR D 60 19.95 -2.06 5.15
N ALA D 61 19.02 -2.52 4.31
CA ALA D 61 17.85 -3.29 4.76
C ALA D 61 18.11 -4.78 4.48
N GLN D 62 17.56 -5.63 5.33
CA GLN D 62 17.49 -7.10 5.10
C GLN D 62 16.02 -7.51 5.24
N LEU D 63 15.40 -7.96 4.15
CA LEU D 63 14.06 -8.61 4.21
C LEU D 63 14.27 -10.11 4.29
N ASN D 64 13.64 -10.76 5.25
CA ASN D 64 13.41 -12.23 5.26
C ASN D 64 11.91 -12.52 5.38
N LYS D 65 11.28 -13.05 4.31
CA LYS D 65 9.82 -13.29 4.27
C LYS D 65 9.49 -14.59 5.00
N ALA D 66 10.42 -15.50 5.10
CA ALA D 66 10.28 -16.81 5.80
C ALA D 66 10.27 -16.57 7.32
N SER D 67 11.28 -15.86 7.82
CA SER D 67 11.42 -15.48 9.25
C SER D 67 10.55 -14.25 9.59
N GLN D 68 10.01 -13.55 8.59
CA GLN D 68 8.95 -12.51 8.74
C GLN D 68 9.50 -11.33 9.55
N TYR D 69 10.64 -10.79 9.15
CA TYR D 69 11.17 -9.50 9.66
C TYR D 69 11.76 -8.74 8.50
N VAL D 70 11.94 -7.43 8.67
CA VAL D 70 12.80 -6.59 7.79
C VAL D 70 13.71 -5.71 8.67
N SER D 71 15.04 -5.74 8.50
CA SER D 71 16.04 -5.00 9.33
C SER D 71 16.48 -3.71 8.63
N LEU D 72 16.97 -2.76 9.40
CA LEU D 72 17.71 -1.57 8.93
C LEU D 72 18.96 -1.43 9.78
N LEU D 73 20.14 -1.41 9.16
CA LEU D 73 21.46 -1.15 9.76
C LEU D 73 21.97 0.19 9.24
N ILE D 74 22.26 1.13 10.13
CA ILE D 74 22.89 2.44 9.78
C ILE D 74 24.35 2.37 10.22
N ARG D 75 25.26 2.04 9.29
CA ARG D 75 26.71 1.97 9.57
C ARG D 75 27.24 3.42 9.65
N ASP D 76 28.15 3.70 10.60
CA ASP D 76 28.91 4.97 10.71
C ASP D 76 27.97 6.09 11.19
N SER D 77 27.12 5.79 12.17
CA SER D 77 26.04 6.65 12.69
C SER D 77 26.55 8.07 13.00
N GLN D 78 25.93 9.10 12.41
CA GLN D 78 26.14 10.55 12.75
C GLN D 78 25.14 10.91 13.82
N PRO D 79 25.36 11.98 14.64
CA PRO D 79 24.33 12.44 15.57
C PRO D 79 23.11 12.98 14.80
N SER D 80 23.30 13.37 13.54
CA SER D 80 22.22 13.88 12.63
C SER D 80 21.33 12.72 12.12
N ASP D 81 21.73 11.46 12.35
CA ASP D 81 20.88 10.26 12.10
C ASP D 81 19.86 10.11 13.22
N SER D 82 19.92 10.95 14.26
CA SER D 82 19.00 10.88 15.43
C SER D 82 17.61 11.32 14.97
N ALA D 83 16.63 10.48 15.21
CA ALA D 83 15.36 10.47 14.47
C ALA D 83 14.52 9.31 14.96
N THR D 84 13.27 9.27 14.55
CA THR D 84 12.40 8.12 14.76
C THR D 84 12.22 7.42 13.42
N TYR D 85 12.43 6.09 13.43
CA TYR D 85 12.54 5.23 12.25
C TYR D 85 11.30 4.36 12.22
N LEU D 86 10.47 4.60 11.21
CA LEU D 86 9.15 3.95 10.99
C LEU D 86 9.34 2.83 9.99
N CYS D 87 8.96 1.65 10.43
CA CYS D 87 8.77 0.46 9.60
C CYS D 87 7.33 0.45 9.03
N ALA D 88 7.14 -0.02 7.80
CA ALA D 88 5.80 -0.09 7.15
C ALA D 88 5.71 -1.32 6.27
N VAL D 89 4.58 -2.01 6.31
CA VAL D 89 4.35 -3.25 5.52
C VAL D 89 3.05 -3.09 4.70
N ASN D 90 3.21 -3.19 3.39
CA ASN D 90 2.13 -3.38 2.41
C ASN D 90 1.56 -4.79 2.59
N VAL D 91 0.48 -4.87 3.36
CA VAL D 91 -0.59 -5.92 3.25
C VAL D 91 -1.69 -5.39 2.31
N ALA D 92 -1.90 -6.04 1.17
CA ALA D 92 -3.10 -5.86 0.31
C ALA D 92 -3.34 -4.38 -0.03
N GLY D 93 -2.33 -3.69 -0.56
CA GLY D 93 -2.42 -2.28 -1.01
C GLY D 93 -2.52 -1.28 0.13
N LYS D 94 -2.51 -1.74 1.39
CA LYS D 94 -2.52 -0.88 2.61
C LYS D 94 -1.14 -0.98 3.32
N SER D 95 -0.39 0.12 3.34
CA SER D 95 0.85 0.31 4.12
C SER D 95 0.48 0.48 5.59
N THR D 96 0.78 -0.51 6.42
CA THR D 96 0.60 -0.42 7.90
C THR D 96 1.96 -0.12 8.54
N PHE D 97 1.96 0.78 9.50
CA PHE D 97 3.16 1.32 10.16
C PHE D 97 3.25 0.74 11.56
N GLY D 98 4.47 0.44 12.02
CA GLY D 98 4.75 0.21 13.44
C GLY D 98 4.77 1.52 14.17
N ASP D 99 4.82 1.50 15.50
CA ASP D 99 4.82 2.75 16.31
C ASP D 99 6.22 3.38 16.33
N GLY D 100 7.16 2.88 15.54
CA GLY D 100 8.47 3.55 15.36
C GLY D 100 9.52 3.22 16.45
N THR D 101 10.80 3.41 16.11
CA THR D 101 11.99 3.15 16.94
C THR D 101 12.81 4.44 17.03
N THR D 102 12.88 5.06 18.21
CA THR D 102 13.65 6.31 18.44
C THR D 102 15.13 5.98 18.62
N LEU D 103 15.98 6.73 17.95
CA LEU D 103 17.43 6.47 17.87
C LEU D 103 18.14 7.77 18.23
N THR D 104 18.90 7.76 19.34
CA THR D 104 19.86 8.84 19.68
C THR D 104 21.26 8.39 19.35
N VAL D 105 21.93 9.08 18.45
CA VAL D 105 23.37 8.87 18.20
C VAL D 105 24.13 9.82 19.09
N LYS D 106 24.63 9.31 20.23
CA LYS D 106 25.46 10.06 21.20
C LYS D 106 26.75 10.49 20.52
N PRO D 107 27.03 11.81 20.44
CA PRO D 107 28.26 12.27 19.79
C PRO D 107 29.51 11.99 20.64
N ASN D 108 30.67 12.07 19.99
CA ASN D 108 32.00 11.71 20.52
C ASN D 108 32.81 12.99 20.74
N ILE D 109 32.87 13.46 22.00
CA ILE D 109 33.59 14.72 22.40
C ILE D 109 35.07 14.41 22.58
N GLN D 110 35.90 14.74 21.59
CA GLN D 110 37.33 14.34 21.58
C GLN D 110 38.10 15.09 22.68
N ASN D 111 37.78 16.38 22.92
CA ASN D 111 38.51 17.31 23.83
C ASN D 111 37.58 17.84 24.92
N PRO D 112 36.99 16.96 25.77
CA PRO D 112 36.06 17.37 26.80
C PRO D 112 36.68 18.32 27.81
N ASP D 113 35.87 19.17 28.43
CA ASP D 113 36.31 20.27 29.31
C ASP D 113 35.16 20.66 30.23
N PRO D 114 34.61 19.70 31.02
CA PRO D 114 33.52 19.98 31.93
C PRO D 114 33.68 21.32 32.67
N ALA D 115 32.60 22.07 32.76
CA ALA D 115 32.52 23.43 33.35
C ALA D 115 31.04 23.75 33.61
N VAL D 116 30.76 24.46 34.74
CA VAL D 116 29.44 25.06 35.09
C VAL D 116 29.62 26.58 35.16
N TYR D 117 28.97 27.31 34.27
CA TYR D 117 29.08 28.79 34.12
C TYR D 117 27.76 29.43 34.55
N GLN D 118 27.81 30.72 34.87
CA GLN D 118 26.63 31.52 35.25
C GLN D 118 26.46 32.67 34.26
N LEU D 119 25.43 32.58 33.41
CA LEU D 119 25.04 33.64 32.45
C LEU D 119 24.02 34.56 33.13
N ARG D 120 24.12 35.86 32.94
CA ARG D 120 23.16 36.87 33.47
C ARG D 120 22.23 37.34 32.34
N ASP D 121 20.98 37.72 32.68
CA ASP D 121 19.96 38.21 31.70
C ASP D 121 20.38 39.62 31.26
N SER D 122 20.41 39.84 29.94
CA SER D 122 20.82 41.12 29.29
C SER D 122 19.90 42.26 29.75
N LYS D 123 18.61 42.00 30.06
CA LYS D 123 17.58 43.03 30.36
C LYS D 123 17.58 43.35 31.86
N SER D 124 17.64 42.34 32.72
CA SER D 124 17.87 42.48 34.18
C SER D 124 19.08 41.64 34.62
N SER D 125 20.05 42.29 35.28
CA SER D 125 21.27 41.68 35.90
C SER D 125 20.84 40.58 36.89
N ASP D 126 19.76 40.84 37.64
CA ASP D 126 19.15 39.96 38.69
C ASP D 126 18.89 38.53 38.15
N LYS D 127 17.82 38.36 37.35
CA LYS D 127 17.47 37.07 36.67
C LYS D 127 18.74 36.40 36.16
N SER D 128 18.90 35.10 36.45
CA SER D 128 20.19 34.36 36.33
C SER D 128 19.93 32.91 35.94
N VAL D 129 20.84 32.34 35.15
CA VAL D 129 20.75 30.96 34.60
C VAL D 129 22.14 30.31 34.65
N CYS D 130 22.18 29.00 34.95
CA CYS D 130 23.39 28.16 35.00
C CYS D 130 23.49 27.28 33.76
N LEU D 131 24.57 27.45 33.00
CA LEU D 131 24.97 26.58 31.87
C LEU D 131 26.12 25.67 32.31
N PHE D 132 25.90 24.35 32.19
CA PHE D 132 26.89 23.27 32.38
C PHE D 132 27.21 22.69 31.00
N THR D 133 28.38 23.03 30.45
CA THR D 133 28.72 22.76 29.03
C THR D 133 30.03 21.97 28.96
N ASP D 134 30.32 21.43 27.77
CA ASP D 134 31.65 20.94 27.32
C ASP D 134 31.97 19.56 27.91
N PHE D 135 31.02 18.93 28.60
CA PHE D 135 31.13 17.52 29.04
C PHE D 135 30.99 16.61 27.82
N ASP D 136 31.31 15.34 28.00
CA ASP D 136 31.34 14.30 26.93
C ASP D 136 30.18 13.37 27.18
N SER D 137 29.90 12.49 26.21
CA SER D 137 28.56 11.89 25.97
C SER D 137 28.31 10.73 26.95
N GLN D 138 29.25 10.49 27.88
CA GLN D 138 29.14 9.46 28.97
C GLN D 138 28.45 10.09 30.18
N THR D 139 28.73 11.36 30.46
CA THR D 139 27.98 12.19 31.43
C THR D 139 26.50 12.26 31.04
N ASN D 140 25.61 12.02 32.01
CA ASN D 140 24.13 12.16 31.88
C ASN D 140 23.65 13.24 32.85
N VAL D 141 22.49 13.83 32.56
CA VAL D 141 21.91 14.93 33.37
C VAL D 141 20.54 14.46 33.83
N SER D 142 20.22 14.65 35.11
CA SER D 142 18.94 14.20 35.70
C SER D 142 18.03 15.41 35.98
N GLN D 143 16.74 15.25 35.68
CA GLN D 143 15.63 16.14 36.11
C GLN D 143 15.87 16.55 37.57
N SER D 144 15.55 17.81 37.92
CA SER D 144 15.76 18.37 39.27
C SER D 144 14.85 17.64 40.26
N LYS D 145 15.09 17.84 41.56
CA LYS D 145 14.22 17.32 42.63
C LYS D 145 13.83 18.47 43.56
N ASP D 146 14.52 19.62 43.46
CA ASP D 146 14.04 20.91 44.03
C ASP D 146 12.90 21.42 43.15
N SER D 147 11.66 21.29 43.62
CA SER D 147 10.40 21.62 42.89
C SER D 147 10.56 22.92 42.07
N ASP D 148 11.22 23.92 42.65
CA ASP D 148 11.30 25.31 42.11
C ASP D 148 12.39 25.42 41.02
N VAL D 149 13.11 24.32 40.74
CA VAL D 149 14.35 24.31 39.89
C VAL D 149 14.11 23.51 38.59
N TYR D 150 14.47 24.09 37.46
CA TYR D 150 14.15 23.60 36.09
C TYR D 150 15.45 23.27 35.38
N ILE D 151 15.63 22.01 35.00
CA ILE D 151 16.86 21.49 34.34
C ILE D 151 16.46 20.84 33.02
N THR D 152 17.18 21.14 31.95
CA THR D 152 17.01 20.51 30.62
C THR D 152 17.90 19.27 30.51
N ASP D 153 17.55 18.33 29.64
CA ASP D 153 18.45 17.23 29.23
C ASP D 153 19.57 17.79 28.37
N LYS D 154 20.66 17.03 28.21
CA LYS D 154 21.84 17.38 27.38
C LYS D 154 21.40 17.50 25.92
N CYS D 155 22.17 18.27 25.14
CA CYS D 155 21.82 18.89 23.85
C CYS D 155 23.10 19.17 23.06
N VAL D 156 23.22 18.57 21.87
CA VAL D 156 24.47 18.60 21.05
C VAL D 156 24.47 19.82 20.11
N LEU D 157 25.39 20.77 20.34
CA LEU D 157 25.76 21.85 19.37
C LEU D 157 26.52 21.19 18.21
N ASP D 158 26.96 22.00 17.24
CA ASP D 158 27.89 21.61 16.14
C ASP D 158 28.32 22.91 15.45
N MET D 159 29.43 23.51 15.88
CA MET D 159 30.08 24.66 15.19
C MET D 159 30.92 24.12 14.03
N ARG D 160 30.33 23.92 12.84
CA ARG D 160 30.99 23.22 11.69
C ARG D 160 32.30 23.94 11.35
N SER D 161 32.30 25.28 11.43
CA SER D 161 33.44 26.18 11.12
C SER D 161 34.64 25.86 12.03
N MET D 162 34.50 26.05 13.34
CA MET D 162 35.59 25.94 14.35
C MET D 162 36.08 24.47 14.41
N ASP D 163 35.20 23.50 14.10
CA ASP D 163 35.52 22.03 14.03
C ASP D 163 35.19 21.39 15.39
N PHE D 164 34.23 21.96 16.13
CA PHE D 164 34.01 21.66 17.57
C PHE D 164 32.50 21.45 17.84
N LYS D 165 32.18 20.37 18.58
CA LYS D 165 30.81 19.97 18.99
C LYS D 165 30.76 19.98 20.51
N SER D 166 29.72 20.57 21.08
CA SER D 166 29.56 20.80 22.54
C SER D 166 28.22 20.21 23.02
N ASN D 167 28.27 19.27 23.97
CA ASN D 167 27.13 18.90 24.85
C ASN D 167 26.90 20.04 25.85
N SER D 168 25.64 20.41 26.09
CA SER D 168 25.25 21.52 27.01
C SER D 168 23.99 21.12 27.75
N ALA D 169 23.83 21.58 28.98
CA ALA D 169 22.58 21.49 29.75
C ALA D 169 22.41 22.77 30.56
N VAL D 170 21.14 23.13 30.83
CA VAL D 170 20.76 24.45 31.43
C VAL D 170 19.84 24.21 32.62
N ALA D 171 20.19 24.82 33.77
CA ALA D 171 19.34 24.91 34.97
C ALA D 171 19.13 26.38 35.33
N TRP D 172 18.00 26.67 35.99
CA TRP D 172 17.60 28.04 36.43
C TRP D 172 16.50 27.90 37.48
N SER D 173 16.25 28.93 38.28
CA SER D 173 15.25 28.92 39.39
C SER D 173 15.07 30.32 39.96
N ASN D 174 13.85 30.63 40.43
CA ASN D 174 13.35 31.98 40.82
C ASN D 174 13.47 32.16 42.34
N LYS D 175 14.67 31.95 42.88
CA LYS D 175 14.98 32.05 44.33
C LYS D 175 16.42 32.59 44.48
N SER D 176 16.70 33.31 45.56
CA SER D 176 18.04 33.91 45.86
C SER D 176 19.05 32.80 46.16
N ASP D 177 18.70 31.86 47.06
CA ASP D 177 19.59 30.79 47.58
C ASP D 177 20.11 29.90 46.43
N PHE D 178 19.48 29.92 45.25
CA PHE D 178 19.96 29.18 44.05
C PHE D 178 21.31 29.75 43.63
N ALA D 179 22.32 28.86 43.55
CA ALA D 179 23.68 29.11 43.02
C ALA D 179 24.00 28.01 42.00
N CYS D 180 24.97 28.26 41.12
CA CYS D 180 25.49 27.27 40.14
C CYS D 180 26.27 26.17 40.87
N ALA D 181 26.79 26.46 42.06
CA ALA D 181 27.58 25.55 42.93
C ALA D 181 26.93 24.15 43.01
N ASN D 182 25.60 24.07 43.16
CA ASN D 182 24.90 22.83 43.61
C ASN D 182 23.60 22.61 42.83
N ALA D 183 23.44 23.26 41.66
CA ALA D 183 22.26 23.19 40.77
C ALA D 183 22.25 21.87 40.00
N PHE D 184 23.42 21.50 39.44
CA PHE D 184 23.67 20.25 38.67
C PHE D 184 24.25 19.17 39.60
N ASN D 185 24.20 19.44 40.90
CA ASN D 185 24.03 18.39 41.92
C ASN D 185 22.82 17.54 41.53
N ASN D 186 22.64 16.38 42.17
CA ASN D 186 21.53 15.43 41.89
C ASN D 186 21.79 14.70 40.56
N SER D 187 22.83 15.11 39.83
CA SER D 187 23.37 14.46 38.60
C SER D 187 24.81 14.02 38.89
N ILE D 188 25.35 13.03 38.15
CA ILE D 188 26.74 12.50 38.36
C ILE D 188 27.74 13.30 37.50
N ILE D 189 28.53 14.14 38.16
CA ILE D 189 29.30 15.27 37.59
C ILE D 189 30.78 14.88 37.56
N PRO D 190 31.54 15.11 36.45
CA PRO D 190 32.99 14.91 36.47
C PRO D 190 33.78 15.94 37.34
N GLU D 191 34.83 16.61 36.81
CA GLU D 191 35.74 17.56 37.53
C GLU D 191 35.70 18.94 36.87
N ASP D 192 34.63 19.69 37.11
CA ASP D 192 34.20 20.85 36.29
C ASP D 192 34.58 22.13 37.01
N THR D 193 35.13 23.11 36.28
CA THR D 193 35.37 24.47 36.82
C THR D 193 34.05 25.01 37.36
N PHE D 194 33.99 25.33 38.64
CA PHE D 194 32.89 26.11 39.25
C PHE D 194 33.44 27.49 39.57
N PHE D 195 33.85 28.20 38.53
CA PHE D 195 34.65 29.45 38.62
C PHE D 195 34.23 30.26 39.83
N PRO D 196 35.15 30.52 40.79
CA PRO D 196 34.86 31.33 41.98
C PRO D 196 35.07 32.85 41.79
N SER D 197 34.79 33.38 40.59
CA SER D 197 34.78 34.84 40.27
C SER D 197 33.39 35.46 40.48
N PRO D 198 32.26 34.73 40.25
CA PRO D 198 30.92 35.34 40.26
C PRO D 198 30.69 36.40 41.35
N SER E 1 6.31 18.03 0.43
CA SER E 1 7.44 18.37 -0.49
C SER E 1 6.97 19.41 -1.52
N GLN E 2 7.48 19.32 -2.76
CA GLN E 2 7.00 20.12 -3.93
C GLN E 2 5.99 19.30 -4.77
N THR E 3 6.04 17.98 -4.70
CA THR E 3 5.04 17.09 -5.31
C THR E 3 3.75 17.08 -4.44
N ILE E 4 3.80 17.51 -3.17
CA ILE E 4 2.59 17.46 -2.26
C ILE E 4 2.67 18.52 -1.15
N HIS E 5 1.75 19.49 -1.15
CA HIS E 5 1.58 20.57 -0.12
C HIS E 5 0.35 20.23 0.71
N GLN E 6 0.18 20.89 1.85
CA GLN E 6 -0.77 20.54 2.93
C GLN E 6 -0.80 21.73 3.88
N TRP E 7 -2.00 22.15 4.32
CA TRP E 7 -2.25 23.32 5.19
C TRP E 7 -3.62 23.15 5.86
N PRO E 8 -3.91 23.86 6.96
CA PRO E 8 -2.89 24.61 7.70
C PRO E 8 -1.93 23.74 8.52
N ALA E 9 -0.70 24.25 8.77
CA ALA E 9 0.47 23.51 9.31
C ALA E 9 0.24 23.22 10.79
N THR E 10 -0.24 24.19 11.56
CA THR E 10 -0.50 24.05 13.03
C THR E 10 -1.83 24.72 13.41
N LEU E 11 -2.55 24.12 14.36
CA LEU E 11 -3.93 24.48 14.76
C LEU E 11 -4.14 24.27 16.25
N VAL E 12 -4.46 25.31 16.98
CA VAL E 12 -5.08 25.16 18.34
C VAL E 12 -6.55 25.63 18.27
N GLN E 13 -7.45 24.76 18.71
CA GLN E 13 -8.91 24.80 18.48
C GLN E 13 -9.60 24.14 19.66
N PRO E 14 -10.70 24.75 20.21
CA PRO E 14 -11.43 24.14 21.34
C PRO E 14 -12.35 23.00 20.91
N VAL E 15 -12.68 22.13 21.88
CA VAL E 15 -13.62 21.00 21.68
C VAL E 15 -14.86 21.57 21.02
N GLY E 16 -15.23 21.05 19.86
CA GLY E 16 -16.52 21.36 19.22
C GLY E 16 -16.36 22.32 18.06
N SER E 17 -15.18 22.88 17.84
CA SER E 17 -14.86 23.66 16.62
C SER E 17 -14.99 22.73 15.41
N PRO E 18 -15.31 23.29 14.22
CA PRO E 18 -15.10 22.56 12.96
C PRO E 18 -13.63 22.52 12.50
N LEU E 19 -13.28 21.52 11.68
CA LEU E 19 -11.92 21.30 11.11
C LEU E 19 -12.01 21.17 9.58
N SER E 20 -11.19 21.94 8.90
CA SER E 20 -10.85 21.79 7.45
C SER E 20 -9.31 21.74 7.33
N LEU E 21 -8.79 20.63 6.80
CA LEU E 21 -7.38 20.51 6.34
C LEU E 21 -7.38 20.21 4.86
N GLU E 22 -6.52 20.89 4.12
CA GLU E 22 -6.41 20.76 2.65
C GLU E 22 -5.06 20.16 2.27
N CYS E 23 -5.04 19.31 1.27
CA CYS E 23 -3.84 18.71 0.65
C CYS E 23 -3.93 18.92 -0.86
N THR E 24 -3.10 19.77 -1.45
CA THR E 24 -2.86 19.83 -2.90
C THR E 24 -1.81 18.80 -3.26
N VAL E 25 -1.78 18.34 -4.49
CA VAL E 25 -0.63 17.55 -5.01
C VAL E 25 -0.44 17.87 -6.51
N GLU E 26 0.81 17.96 -6.96
CA GLU E 26 1.19 18.43 -8.31
C GLU E 26 2.34 17.56 -8.82
N GLY E 27 2.47 17.38 -10.14
CA GLY E 27 3.61 16.68 -10.78
C GLY E 27 3.37 15.18 -10.99
N THR E 28 2.23 14.65 -10.52
CA THR E 28 1.71 13.28 -10.83
C THR E 28 0.24 13.37 -11.26
N SER E 29 -0.29 12.36 -11.95
CA SER E 29 -1.73 12.28 -12.26
C SER E 29 -2.32 10.96 -11.75
N ASN E 30 -3.54 11.01 -11.20
CA ASN E 30 -4.35 9.85 -10.75
C ASN E 30 -3.67 9.11 -9.61
N PRO E 31 -3.10 9.84 -8.63
CA PRO E 31 -2.41 9.22 -7.51
C PRO E 31 -3.46 8.49 -6.68
N ASN E 32 -3.05 7.46 -5.91
CA ASN E 32 -3.76 7.08 -4.66
C ASN E 32 -3.46 8.20 -3.66
N LEU E 33 -4.34 8.37 -2.66
CA LEU E 33 -4.26 9.44 -1.64
C LEU E 33 -4.74 8.86 -0.33
N TYR E 34 -4.17 9.34 0.77
CA TYR E 34 -4.22 8.71 2.10
C TYR E 34 -4.30 9.84 3.14
N TRP E 35 -5.12 9.67 4.16
CA TRP E 35 -5.04 10.50 5.37
C TRP E 35 -4.54 9.60 6.49
N TYR E 36 -3.37 9.93 7.03
CA TYR E 36 -2.77 9.21 8.16
C TYR E 36 -2.83 10.13 9.37
N ARG E 37 -2.96 9.56 10.56
CA ARG E 37 -2.81 10.34 11.79
C ARG E 37 -1.76 9.70 12.71
N GLN E 38 -0.98 10.55 13.35
CA GLN E 38 0.05 10.22 14.35
C GLN E 38 -0.32 10.90 15.67
N ALA E 39 -0.59 10.11 16.69
CA ALA E 39 -1.06 10.60 18.02
C ALA E 39 -0.80 9.52 19.07
N ALA E 40 -0.55 9.91 20.32
CA ALA E 40 -0.44 8.99 21.47
C ALA E 40 0.72 8.01 21.21
N GLY E 41 1.86 8.54 20.79
CA GLY E 41 2.99 7.79 20.22
C GLY E 41 3.43 8.36 18.89
N ARG E 42 4.50 7.81 18.35
CA ARG E 42 4.79 7.87 16.90
C ARG E 42 3.94 6.76 16.26
N GLY E 43 4.14 6.46 14.99
CA GLY E 43 3.34 5.40 14.33
C GLY E 43 2.02 5.92 13.73
N LEU E 44 1.81 5.65 12.46
CA LEU E 44 0.73 6.23 11.64
C LEU E 44 -0.44 5.28 11.64
N GLN E 45 -1.62 5.81 12.01
CA GLN E 45 -2.93 5.16 11.78
C GLN E 45 -3.55 5.73 10.49
N LEU E 46 -3.92 4.85 9.58
CA LEU E 46 -4.64 5.19 8.33
C LEU E 46 -6.08 5.58 8.66
N LEU E 47 -6.50 6.79 8.24
CA LEU E 47 -7.87 7.33 8.48
C LEU E 47 -8.72 7.19 7.23
N PHE E 48 -8.22 7.64 6.09
CA PHE E 48 -8.94 7.57 4.79
C PHE E 48 -7.98 7.16 3.67
N TYR E 49 -8.46 6.29 2.79
CA TYR E 49 -7.75 5.78 1.59
C TYR E 49 -8.63 6.10 0.37
N SER E 50 -8.05 6.69 -0.70
CA SER E 50 -8.76 7.14 -1.93
C SER E 50 -8.06 6.66 -3.19
N VAL E 51 -8.65 5.66 -3.85
CA VAL E 51 -8.14 5.08 -5.13
C VAL E 51 -8.46 6.02 -6.32
N GLY E 52 -9.35 7.00 -6.19
CA GLY E 52 -9.62 7.95 -7.29
C GLY E 52 -10.58 9.06 -6.91
N ILE E 53 -10.64 10.11 -7.74
CA ILE E 53 -11.56 11.29 -7.63
C ILE E 53 -12.96 10.84 -7.20
N GLY E 54 -13.50 11.47 -6.15
CA GLY E 54 -14.84 11.19 -5.59
C GLY E 54 -14.93 9.87 -4.85
N GLN E 55 -13.95 8.97 -5.01
CA GLN E 55 -13.91 7.65 -4.29
C GLN E 55 -13.05 7.78 -3.02
N ILE E 56 -13.68 7.63 -1.86
CA ILE E 56 -13.07 7.65 -0.51
C ILE E 56 -13.38 6.31 0.15
N SER E 57 -12.51 5.83 1.04
CA SER E 57 -12.72 4.63 1.89
C SER E 57 -12.37 4.96 3.34
N SER E 58 -13.27 4.73 4.28
CA SER E 58 -13.02 4.97 5.72
C SER E 58 -12.59 3.64 6.35
N GLU E 59 -11.40 3.63 6.97
CA GLU E 59 -10.70 2.40 7.40
C GLU E 59 -11.02 2.12 8.89
N VAL E 60 -11.48 3.15 9.63
CA VAL E 60 -12.07 3.00 10.99
C VAL E 60 -13.19 4.03 11.15
N PRO E 61 -14.34 3.68 11.81
CA PRO E 61 -15.45 4.62 11.97
C PRO E 61 -15.05 5.72 12.96
N GLN E 62 -15.61 6.92 12.80
CA GLN E 62 -14.98 8.13 13.39
C GLN E 62 -15.85 9.36 13.13
N ASN E 63 -15.62 10.40 13.93
CA ASN E 63 -16.33 11.70 13.84
C ASN E 63 -15.59 12.62 12.87
N LEU E 64 -14.81 12.06 11.94
CA LEU E 64 -14.17 12.82 10.84
C LEU E 64 -14.69 12.30 9.50
N SER E 65 -14.63 13.15 8.49
CA SER E 65 -15.08 12.87 7.11
C SER E 65 -14.02 13.42 6.17
N ALA E 66 -13.94 12.85 4.98
CA ALA E 66 -13.02 13.31 3.93
C ALA E 66 -13.71 13.25 2.57
N SER E 67 -13.18 14.02 1.63
CA SER E 67 -13.70 14.12 0.25
C SER E 67 -12.55 14.48 -0.71
N ARG E 68 -12.66 14.01 -1.95
CA ARG E 68 -11.68 14.26 -3.05
C ARG E 68 -12.42 14.92 -4.21
N PRO E 69 -12.72 16.23 -4.13
CA PRO E 69 -13.36 16.97 -5.21
C PRO E 69 -12.62 16.87 -6.55
N GLN E 70 -11.28 16.87 -6.55
CA GLN E 70 -10.45 16.82 -7.78
C GLN E 70 -9.41 15.69 -7.68
N ASP E 71 -8.80 15.36 -8.81
CA ASP E 71 -7.72 14.35 -8.94
C ASP E 71 -6.67 14.62 -7.82
N ARG E 72 -6.40 15.90 -7.55
CA ARG E 72 -5.19 16.38 -6.86
C ARG E 72 -5.58 17.34 -5.74
N GLN E 73 -6.72 17.10 -5.12
CA GLN E 73 -7.19 17.92 -3.98
C GLN E 73 -8.01 17.03 -3.06
N PHE E 74 -7.55 16.91 -1.81
CA PHE E 74 -8.05 15.98 -0.79
C PHE E 74 -8.37 16.83 0.44
N ILE E 75 -9.48 16.59 1.13
CA ILE E 75 -9.94 17.40 2.28
C ILE E 75 -10.32 16.45 3.40
N LEU E 76 -9.96 16.80 4.61
CA LEU E 76 -10.38 16.12 5.85
C LEU E 76 -11.13 17.17 6.66
N SER E 77 -12.24 16.79 7.28
CA SER E 77 -13.16 17.74 7.94
C SER E 77 -13.77 17.12 9.19
N SER E 78 -14.19 17.95 10.12
CA SER E 78 -15.11 17.55 11.20
C SER E 78 -16.14 18.67 11.43
N LYS E 79 -17.32 18.30 11.88
CA LYS E 79 -18.36 19.26 12.27
C LYS E 79 -18.10 19.59 13.75
N LYS E 80 -17.68 18.61 14.56
CA LYS E 80 -17.45 18.84 16.01
C LYS E 80 -16.23 18.01 16.52
N LEU E 81 -15.09 18.68 16.78
CA LEU E 81 -13.84 18.02 17.27
C LEU E 81 -14.03 17.54 18.70
N LEU E 82 -13.61 16.30 18.99
CA LEU E 82 -13.46 15.74 20.37
C LEU E 82 -12.01 15.90 20.80
N LEU E 83 -11.74 15.84 22.10
CA LEU E 83 -10.34 15.84 22.61
C LEU E 83 -9.53 14.84 21.78
N SER E 84 -10.02 13.62 21.65
CA SER E 84 -9.35 12.44 21.03
C SER E 84 -8.80 12.76 19.64
N ASP E 85 -9.28 13.81 19.00
CA ASP E 85 -8.97 14.12 17.57
C ASP E 85 -7.65 14.90 17.48
N SER E 86 -7.11 15.34 18.63
CA SER E 86 -5.72 15.83 18.75
C SER E 86 -4.81 14.88 18.03
N GLY E 87 -3.81 15.38 17.33
CA GLY E 87 -2.97 14.53 16.50
C GLY E 87 -2.23 15.31 15.45
N PHE E 88 -1.37 14.61 14.72
CA PHE E 88 -0.54 15.10 13.61
C PHE E 88 -1.11 14.47 12.36
N TYR E 89 -1.80 15.24 11.53
CA TYR E 89 -2.61 14.73 10.41
C TYR E 89 -1.75 14.85 9.17
N LEU E 90 -1.50 13.72 8.53
CA LEU E 90 -0.53 13.61 7.42
C LEU E 90 -1.25 13.15 6.17
N CYS E 91 -1.05 13.92 5.13
CA CYS E 91 -1.49 13.59 3.78
C CYS E 91 -0.36 12.90 3.04
N ALA E 92 -0.65 11.83 2.33
CA ALA E 92 0.31 11.13 1.46
C ALA E 92 -0.34 10.70 0.14
N TRP E 93 0.45 10.66 -0.95
CA TRP E 93 0.07 10.08 -2.26
C TRP E 93 1.00 8.93 -2.66
N SER E 94 0.52 8.10 -3.59
CA SER E 94 1.14 6.84 -4.07
C SER E 94 0.83 6.70 -5.57
N GLU E 95 1.76 6.27 -6.41
CA GLU E 95 1.54 6.09 -7.88
C GLU E 95 0.22 5.36 -8.10
N THR E 96 -0.58 5.80 -9.08
CA THR E 96 -1.70 5.03 -9.64
C THR E 96 -1.36 3.56 -9.55
N GLY E 97 -2.16 2.80 -8.82
CA GLY E 97 -2.18 1.34 -8.92
C GLY E 97 -1.79 0.69 -7.62
N LEU E 98 -1.17 -0.48 -7.73
CA LEU E 98 -0.28 -1.10 -6.73
C LEU E 98 1.13 -1.23 -7.36
N GLY E 99 1.85 -0.11 -7.46
CA GLY E 99 3.30 -0.10 -7.68
C GLY E 99 4.03 -0.58 -6.43
N THR E 100 5.26 -0.13 -6.23
CA THR E 100 6.10 -0.48 -5.04
C THR E 100 5.33 -0.24 -3.73
N GLY E 101 4.57 0.85 -3.65
CA GLY E 101 3.82 1.23 -2.43
C GLY E 101 4.44 2.43 -1.73
N GLU E 102 5.42 3.07 -2.36
CA GLU E 102 6.10 4.29 -1.84
C GLU E 102 5.06 5.33 -1.53
N LEU E 103 5.05 5.88 -0.33
CA LEU E 103 4.18 7.01 0.05
C LEU E 103 5.04 8.26 0.19
N PHE E 104 4.69 9.31 -0.53
CA PHE E 104 5.27 10.66 -0.45
C PHE E 104 4.34 11.47 0.45
N PHE E 105 4.86 12.12 1.48
CA PHE E 105 4.07 12.75 2.56
C PHE E 105 4.13 14.27 2.40
N GLY E 106 3.04 14.94 2.75
CA GLY E 106 3.03 16.39 2.98
C GLY E 106 3.74 16.71 4.28
N GLU E 107 3.87 17.99 4.59
CA GLU E 107 4.61 18.46 5.76
C GLU E 107 3.70 18.41 7.01
N GLY E 108 2.50 17.82 6.90
CA GLY E 108 1.63 17.50 8.05
C GLY E 108 0.85 18.70 8.59
N SER E 109 -0.25 18.47 9.32
CA SER E 109 -1.03 19.49 10.07
C SER E 109 -1.16 19.09 11.53
N ARG E 110 -0.63 19.88 12.45
CA ARG E 110 -0.61 19.53 13.88
C ARG E 110 -1.85 20.15 14.50
N LEU E 111 -2.71 19.31 15.04
CA LEU E 111 -3.99 19.74 15.63
C LEU E 111 -3.97 19.43 17.11
N THR E 112 -3.95 20.46 17.94
CA THR E 112 -4.28 20.36 19.39
C THR E 112 -5.69 20.93 19.64
N VAL E 113 -6.55 20.06 20.16
CA VAL E 113 -7.94 20.33 20.63
C VAL E 113 -7.91 20.50 22.15
N LEU E 114 -8.38 21.61 22.68
CA LEU E 114 -8.38 21.87 24.15
C LEU E 114 -9.82 21.92 24.67
N GLU E 115 -10.02 21.60 25.96
CA GLU E 115 -11.31 21.70 26.67
C GLU E 115 -11.52 23.14 27.14
N ASP E 116 -10.44 23.86 27.37
CA ASP E 116 -10.46 25.18 28.04
C ASP E 116 -9.31 26.03 27.52
N LEU E 117 -9.64 27.08 26.76
CA LEU E 117 -8.69 28.02 26.14
C LEU E 117 -8.17 29.02 27.18
N LYS E 118 -8.74 29.08 28.39
CA LYS E 118 -8.24 29.97 29.48
C LYS E 118 -6.81 29.53 29.86
N ASN E 119 -6.42 28.28 29.53
CA ASN E 119 -5.14 27.65 29.90
C ASN E 119 -4.02 28.12 28.98
N VAL E 120 -4.37 28.65 27.82
CA VAL E 120 -3.40 28.90 26.71
C VAL E 120 -2.64 30.18 27.04
N PHE E 121 -1.30 30.12 27.04
CA PHE E 121 -0.41 31.30 27.27
C PHE E 121 0.72 31.31 26.25
N PRO E 122 1.12 32.48 25.73
CA PRO E 122 2.32 32.54 24.91
C PRO E 122 3.60 32.47 25.76
N PRO E 123 4.78 32.30 25.14
CA PRO E 123 6.02 32.18 25.89
C PRO E 123 6.57 33.56 26.25
N GLU E 124 7.03 33.71 27.48
CA GLU E 124 8.00 34.75 27.87
C GLU E 124 9.40 34.29 27.44
N VAL E 125 10.22 35.21 26.96
CA VAL E 125 11.46 34.92 26.20
C VAL E 125 12.56 35.86 26.65
N ALA E 126 13.61 35.32 27.26
CA ALA E 126 14.84 36.02 27.66
C ALA E 126 16.07 35.37 26.97
N VAL E 127 17.02 36.20 26.51
CA VAL E 127 18.41 35.77 26.16
C VAL E 127 19.36 36.15 27.30
N PHE E 128 20.31 35.29 27.61
CA PHE E 128 21.30 35.47 28.68
C PHE E 128 22.67 35.57 28.05
N GLU E 129 23.44 36.61 28.42
CA GLU E 129 24.75 36.91 27.81
C GLU E 129 25.78 35.92 28.34
N PRO E 130 26.78 35.50 27.51
CA PRO E 130 27.81 34.55 27.91
C PRO E 130 28.44 34.99 29.24
N SER E 131 29.11 34.06 29.94
CA SER E 131 29.87 34.33 31.20
C SER E 131 31.31 34.68 30.87
N GLU E 132 31.89 35.65 31.58
CA GLU E 132 33.27 36.14 31.32
C GLU E 132 34.27 34.99 31.48
N ALA E 133 33.96 34.03 32.36
CA ALA E 133 34.76 32.80 32.62
C ALA E 133 34.84 31.93 31.36
N GLU E 134 33.68 31.63 30.78
CA GLU E 134 33.54 30.77 29.57
C GLU E 134 34.43 31.33 28.46
N ILE E 135 34.53 32.66 28.39
CA ILE E 135 35.19 33.43 27.30
C ILE E 135 36.71 33.32 27.47
N SER E 136 37.21 33.38 28.72
CA SER E 136 38.65 33.32 29.04
C SER E 136 39.13 31.85 29.03
N HIS E 137 38.31 30.92 29.54
CA HIS E 137 38.62 29.47 29.67
C HIS E 137 38.49 28.74 28.32
N THR E 138 37.68 29.26 27.41
CA THR E 138 37.20 28.53 26.20
C THR E 138 37.47 29.34 24.93
N GLN E 139 37.81 30.63 25.05
CA GLN E 139 38.00 31.53 23.89
C GLN E 139 36.69 31.49 23.06
N LYS E 140 35.56 31.22 23.74
CA LYS E 140 34.21 31.00 23.11
C LYS E 140 33.11 31.65 23.97
N ALA E 141 31.88 31.71 23.43
CA ALA E 141 30.74 32.47 24.02
C ALA E 141 29.41 31.78 23.69
N THR E 142 28.72 31.25 24.71
CA THR E 142 27.40 30.56 24.59
C THR E 142 26.29 31.54 25.05
N LEU E 143 25.57 32.15 24.11
CA LEU E 143 24.26 32.78 24.39
C LEU E 143 23.24 31.69 24.74
N VAL E 144 22.37 31.96 25.72
CA VAL E 144 21.23 31.06 26.03
C VAL E 144 19.93 31.83 25.85
N CYS E 145 18.91 31.13 25.36
CA CYS E 145 17.54 31.64 25.22
C CYS E 145 16.59 30.78 26.05
N LEU E 146 15.57 31.40 26.57
CA LEU E 146 14.69 30.74 27.56
C LEU E 146 13.24 31.15 27.31
N ALA E 147 12.53 30.28 26.62
CA ALA E 147 11.08 30.39 26.39
C ALA E 147 10.36 29.71 27.55
N THR E 148 9.69 30.48 28.41
CA THR E 148 9.01 29.97 29.64
C THR E 148 7.51 30.26 29.62
N GLY E 149 6.73 29.39 30.28
CA GLY E 149 5.37 29.67 30.75
C GLY E 149 4.34 29.59 29.64
N PHE E 150 4.54 28.70 28.66
CA PHE E 150 3.74 28.65 27.41
C PHE E 150 2.92 27.36 27.37
N TYR E 151 1.73 27.44 26.74
CA TYR E 151 0.73 26.34 26.58
C TYR E 151 -0.18 26.64 25.40
N PRO E 152 -0.46 25.66 24.51
CA PRO E 152 0.05 24.30 24.63
C PRO E 152 1.54 24.15 24.21
N ASP E 153 2.05 22.91 24.09
CA ASP E 153 3.51 22.59 24.23
C ASP E 153 4.27 22.73 22.90
N HIS E 154 3.77 23.49 21.92
CA HIS E 154 4.40 23.62 20.57
C HIS E 154 4.78 25.07 20.29
N VAL E 155 6.08 25.29 20.13
CA VAL E 155 6.74 26.49 19.56
C VAL E 155 7.82 26.01 18.58
N GLU E 156 8.42 26.93 17.82
CA GLU E 156 9.63 26.71 16.99
C GLU E 156 10.59 27.84 17.27
N LEU E 157 11.71 27.55 17.91
CA LEU E 157 12.74 28.54 18.31
C LEU E 157 13.73 28.67 17.15
N SER E 158 14.16 29.90 16.85
CA SER E 158 15.18 30.20 15.83
C SER E 158 16.13 31.29 16.33
N TRP E 159 17.37 31.26 15.85
CA TRP E 159 18.42 32.25 16.18
C TRP E 159 18.69 33.13 14.97
N TRP E 160 18.79 34.43 15.20
CA TRP E 160 18.97 35.48 14.16
C TRP E 160 20.19 36.31 14.50
N VAL E 161 21.24 36.27 13.67
CA VAL E 161 22.45 37.12 13.84
C VAL E 161 22.43 38.21 12.75
N ASN E 162 22.44 39.48 13.18
CA ASN E 162 22.37 40.68 12.32
C ASN E 162 21.23 40.51 11.31
N GLY E 163 20.08 40.00 11.75
CA GLY E 163 18.83 39.88 10.96
C GLY E 163 18.91 38.82 9.87
N LYS E 164 19.74 37.78 10.06
CA LYS E 164 19.71 36.55 9.23
C LYS E 164 19.76 35.32 10.13
N GLU E 165 19.05 34.26 9.72
CA GLU E 165 18.83 33.01 10.50
C GLU E 165 20.10 32.16 10.43
N VAL E 166 20.86 32.14 11.53
CA VAL E 166 21.97 31.16 11.76
C VAL E 166 21.34 29.81 12.14
N HIS E 167 21.83 28.73 11.53
CA HIS E 167 21.62 27.31 11.93
C HIS E 167 22.87 26.74 12.60
N SER E 168 24.06 27.34 12.38
CA SER E 168 25.37 26.83 12.86
C SER E 168 25.66 27.32 14.28
N GLY E 169 26.10 26.40 15.14
CA GLY E 169 26.38 26.65 16.57
C GLY E 169 25.10 26.74 17.39
N VAL E 170 24.02 26.10 16.96
CA VAL E 170 22.71 26.09 17.70
C VAL E 170 22.45 24.68 18.22
N CYS E 171 21.99 24.59 19.46
CA CYS E 171 21.21 23.44 19.97
C CYS E 171 19.93 23.96 20.65
N THR E 172 18.78 23.51 20.21
CA THR E 172 17.50 23.72 20.92
C THR E 172 17.14 22.41 21.59
N ASP E 173 16.52 22.46 22.77
CA ASP E 173 15.92 21.27 23.44
C ASP E 173 14.89 20.69 22.49
N PRO E 174 14.88 19.36 22.28
CA PRO E 174 14.02 18.75 21.27
C PRO E 174 12.65 18.41 21.86
N GLN E 175 12.47 18.61 23.17
CA GLN E 175 11.14 18.69 23.78
C GLN E 175 11.16 19.65 24.96
N PRO E 176 10.08 20.42 25.11
CA PRO E 176 9.95 21.34 26.23
C PRO E 176 9.67 20.54 27.51
N LEU E 177 9.90 21.14 28.68
CA LEU E 177 9.67 20.50 29.98
C LEU E 177 8.50 21.18 30.69
N LYS E 178 7.92 20.51 31.68
CA LYS E 178 6.79 21.00 32.47
C LYS E 178 7.31 21.82 33.65
N GLU E 179 6.84 23.06 33.76
CA GLU E 179 7.14 23.99 34.86
C GLU E 179 6.59 23.42 36.17
N GLN E 180 5.50 22.65 36.09
CA GLN E 180 4.84 21.98 37.22
C GLN E 180 4.68 20.50 36.90
N PRO E 181 5.76 19.69 36.89
CA PRO E 181 5.68 18.33 36.35
C PRO E 181 4.50 17.56 36.94
N ALA E 182 3.90 18.07 38.02
CA ALA E 182 2.70 17.50 38.69
C ALA E 182 1.46 17.55 37.77
N LEU E 183 1.08 18.73 37.27
CA LEU E 183 -0.28 19.04 36.70
C LEU E 183 -0.53 18.23 35.40
N ASN E 184 -1.74 18.34 34.83
CA ASN E 184 -2.04 17.94 33.42
C ASN E 184 -1.88 19.19 32.55
N ASP E 185 -2.58 20.25 32.94
CA ASP E 185 -2.71 21.53 32.21
C ASP E 185 -1.62 22.49 32.70
N SER E 186 -0.44 21.97 33.07
CA SER E 186 0.77 22.76 33.37
C SER E 186 1.21 23.50 32.12
N ARG E 187 1.84 24.66 32.30
CA ARG E 187 2.57 25.39 31.22
C ARG E 187 3.98 24.77 31.10
N TYR E 188 4.77 25.21 30.09
CA TYR E 188 5.97 24.51 29.55
C TYR E 188 7.15 25.48 29.37
N ALA E 189 8.35 24.94 29.18
CA ALA E 189 9.59 25.74 29.03
C ALA E 189 10.58 25.00 28.11
N LEU E 190 11.45 25.78 27.46
CA LEU E 190 12.35 25.32 26.39
C LEU E 190 13.55 26.28 26.32
N SER E 191 14.77 25.73 26.26
CA SER E 191 16.03 26.49 26.10
C SER E 191 16.63 26.20 24.74
N SER E 192 17.35 27.17 24.21
CA SER E 192 18.28 27.00 23.07
C SER E 192 19.61 27.67 23.42
N ARG E 193 20.71 27.14 22.93
CA ARG E 193 22.07 27.73 23.07
C ARG E 193 22.58 28.06 21.68
N LEU E 194 23.06 29.29 21.49
CA LEU E 194 23.91 29.67 20.33
C LEU E 194 25.32 29.93 20.86
N ARG E 195 26.32 29.23 20.29
CA ARG E 195 27.76 29.40 20.59
C ARG E 195 28.46 30.11 19.43
N VAL E 196 29.30 31.10 19.76
CA VAL E 196 30.15 31.84 18.78
C VAL E 196 31.57 32.05 19.37
N SER E 197 32.57 32.30 18.51
CA SER E 197 33.94 32.67 18.95
C SER E 197 33.85 33.95 19.80
N ALA E 198 34.61 34.00 20.91
CA ALA E 198 34.68 35.14 21.86
C ALA E 198 34.79 36.49 21.10
N THR E 199 35.48 36.51 19.95
CA THR E 199 35.82 37.74 19.18
C THR E 199 34.76 37.98 18.10
N PHE E 200 33.58 37.35 18.22
CA PHE E 200 32.35 37.68 17.45
C PHE E 200 31.27 38.22 18.42
N TRP E 201 31.22 37.66 19.63
CA TRP E 201 30.41 38.18 20.75
C TRP E 201 30.97 39.52 21.17
N GLN E 202 32.29 39.72 21.08
CA GLN E 202 32.97 40.96 21.56
C GLN E 202 32.73 42.11 20.57
N ASP E 203 32.57 41.81 19.27
CA ASP E 203 32.28 42.82 18.22
C ASP E 203 30.95 43.49 18.55
N PRO E 204 30.98 44.76 19.01
CA PRO E 204 29.80 45.39 19.59
C PRO E 204 28.73 45.72 18.54
N ARG E 205 29.11 45.67 17.26
CA ARG E 205 28.18 45.86 16.12
C ARG E 205 27.72 44.50 15.63
N ASN E 206 27.43 43.57 16.55
CA ASN E 206 26.85 42.25 16.25
C ASN E 206 25.55 42.08 17.06
N HIS E 207 24.44 41.85 16.36
CA HIS E 207 23.08 41.75 16.92
C HIS E 207 22.68 40.28 17.10
N PHE E 208 22.37 39.88 18.33
CA PHE E 208 21.92 38.51 18.65
C PHE E 208 20.46 38.56 19.03
N ARG E 209 19.60 37.82 18.33
CA ARG E 209 18.16 37.73 18.65
C ARG E 209 17.69 36.30 18.62
N CYS E 210 16.87 35.97 19.62
CA CYS E 210 16.18 34.69 19.79
C CYS E 210 14.68 34.83 19.43
N GLN E 211 14.21 34.26 18.31
CA GLN E 211 12.77 34.30 17.91
C GLN E 211 12.07 33.04 18.39
N VAL E 212 10.83 33.16 18.87
CA VAL E 212 9.99 32.00 19.30
C VAL E 212 8.61 32.14 18.68
N GLN E 213 8.34 31.36 17.62
CA GLN E 213 7.02 31.29 16.95
C GLN E 213 6.09 30.43 17.82
N PHE E 214 5.04 31.02 18.38
CA PHE E 214 4.02 30.33 19.19
C PHE E 214 2.77 30.14 18.34
N TYR E 215 2.07 29.01 18.56
CA TYR E 215 0.77 28.65 17.94
C TYR E 215 -0.29 28.59 19.03
N GLY E 216 -1.19 29.55 19.00
CA GLY E 216 -2.31 29.66 19.95
C GLY E 216 -3.64 29.82 19.23
N LEU E 217 -4.50 30.63 19.80
CA LEU E 217 -5.89 30.85 19.29
C LEU E 217 -5.80 31.56 17.93
N SER E 218 -6.90 31.58 17.17
CA SER E 218 -7.10 32.43 15.97
C SER E 218 -7.94 33.66 16.34
N GLU E 219 -8.09 34.61 15.42
CA GLU E 219 -8.69 35.96 15.69
C GLU E 219 -10.18 35.80 16.01
N ASN E 220 -10.85 34.84 15.40
CA ASN E 220 -12.30 34.57 15.60
C ASN E 220 -12.43 33.39 16.57
N ASP E 221 -11.90 33.53 17.79
CA ASP E 221 -12.04 32.58 18.91
C ASP E 221 -12.58 33.35 20.11
N GLU E 222 -13.37 32.69 20.95
CA GLU E 222 -14.05 33.34 22.09
C GLU E 222 -13.04 33.49 23.22
N TRP E 223 -13.08 34.60 23.94
CA TRP E 223 -12.10 34.94 25.00
C TRP E 223 -12.76 35.82 26.07
N THR E 224 -12.91 35.31 27.30
CA THR E 224 -13.63 35.97 28.43
C THR E 224 -12.64 36.64 29.37
N GLN E 225 -11.36 36.32 29.21
CA GLN E 225 -10.33 36.61 30.25
C GLN E 225 -9.96 38.09 30.18
N ASP E 226 -9.66 38.68 31.33
CA ASP E 226 -9.18 40.08 31.47
C ASP E 226 -8.01 40.33 30.52
N ARG E 227 -7.07 39.37 30.45
CA ARG E 227 -5.77 39.49 29.73
C ARG E 227 -6.02 39.49 28.22
N ALA E 228 -5.09 40.05 27.44
CA ALA E 228 -5.11 40.10 25.98
C ALA E 228 -5.11 38.67 25.47
N LYS E 229 -5.36 38.45 24.19
CA LYS E 229 -5.80 37.12 23.69
C LYS E 229 -4.57 36.36 23.17
N PRO E 230 -4.28 35.18 23.75
CA PRO E 230 -3.09 34.41 23.40
C PRO E 230 -3.19 33.77 22.01
N VAL E 231 -2.98 34.57 20.98
CA VAL E 231 -3.08 34.15 19.55
C VAL E 231 -1.72 33.63 19.09
N THR E 232 -1.69 33.02 17.91
CA THR E 232 -0.45 32.76 17.14
C THR E 232 0.35 34.07 17.05
N GLN E 233 1.63 34.02 17.49
CA GLN E 233 2.52 35.21 17.56
C GLN E 233 3.98 34.76 17.72
N ILE E 234 4.90 35.64 17.30
CA ILE E 234 6.37 35.53 17.49
C ILE E 234 6.77 36.37 18.71
N VAL E 235 7.49 35.79 19.67
CA VAL E 235 8.10 36.50 20.85
C VAL E 235 9.61 36.41 20.72
N SER E 236 10.31 37.52 20.93
CA SER E 236 11.79 37.64 20.81
C SER E 236 12.40 38.22 22.10
N ALA E 237 13.64 37.87 22.35
CA ALA E 237 14.57 38.66 23.18
C ALA E 237 15.78 38.99 22.31
N GLU E 238 16.67 39.88 22.78
CA GLU E 238 17.89 40.28 22.00
C GLU E 238 19.05 40.69 22.94
N ALA E 239 20.23 40.81 22.33
CA ALA E 239 21.50 41.23 22.95
C ALA E 239 22.41 41.73 21.85
N TRP E 240 23.26 42.71 22.18
CA TRP E 240 24.32 43.24 21.29
C TRP E 240 25.69 42.72 21.73
N GLY E 241 26.68 42.81 20.86
CA GLY E 241 28.09 42.58 21.19
C GLY E 241 28.49 43.40 22.41
N ARG E 242 29.44 42.89 23.18
CA ARG E 242 30.00 43.52 24.41
C ARG E 242 31.51 43.22 24.47
N ALA E 243 32.34 44.22 24.14
CA ALA E 243 33.83 44.13 24.07
C ALA E 243 34.43 44.22 25.47
N ASP E 244 33.62 44.58 26.48
CA ASP E 244 33.96 44.46 27.91
C ASP E 244 33.34 43.17 28.44
C1 EDO F . -6.19 -1.12 -31.50
O1 EDO F . -7.54 -0.69 -31.44
C2 EDO F . -5.40 -0.41 -32.53
O2 EDO F . -4.45 -1.21 -33.17
C1 EDO G . 2.97 -32.16 -2.50
O1 EDO G . 3.92 -31.90 -1.49
C2 EDO G . 1.73 -32.75 -1.98
O2 EDO G . 1.48 -34.04 -2.52
#